data_1LY8
#
_entry.id   1LY8
#
_cell.length_a   74.490
_cell.length_b   114.860
_cell.length_c   73.610
_cell.angle_alpha   90.00
_cell.angle_beta   90.00
_cell.angle_gamma   90.00
#
_symmetry.space_group_name_H-M   'P 21 21 2'
#
loop_
_entity.id
_entity.type
_entity.pdbx_description
1 polymer Peroxidase
2 non-polymer 2-acetamido-2-deoxy-beta-D-glucopyranose
3 non-polymer beta-D-mannopyranose
4 non-polymer alpha-D-mannopyranose
5 non-polymer 'CALCIUM ION'
6 non-polymer 'PROTOPORPHYRIN IX CONTAINING FE'
7 non-polymer GLYCEROL
8 water water
#
_entity_poly.entity_id   1
_entity_poly.type   'polypeptide(L)'
_entity_poly.pdbx_seq_one_letter_code
;QGPGGGGSVTCPGGQSTSNSQCCVWFDVLDDLQTNFYQGSKCESPVRKSLRIAFHDAIGFSPALTAAGQFGGGGADGSII
AHSNIELAFPANGGLTDTVEALRAVGINHGVSFGDLIQFAAAVGMSNCPGSPRLEFLTGRSNSSQPSPPSLIPGPGNTVT
AILDRFGDAGFSPDEVVDLLAAHSLASQEGLNSAIFRSPLDSTPQVFDTQFYIETLLKGTTQPGPSLGFAEELSPFPGGF
RIRSDALLARDSRTACRWQSMTSSNEVMGQRFRAAMAKMSVLGFDRNALTDCSDVIPSAVSNNAAPVIPGGLTVDDIEVS
CPSEPFPEIATASGPLPSLAPAP
;
_entity_poly.pdbx_strand_id   A,B
#
loop_
_chem_comp.id
_chem_comp.type
_chem_comp.name
_chem_comp.formula
BMA D-saccharide, beta linking beta-D-mannopyranose 'C6 H12 O6'
CA non-polymer 'CALCIUM ION' 'Ca 2'
GOL non-polymer GLYCEROL 'C3 H8 O3'
HEM non-polymer 'PROTOPORPHYRIN IX CONTAINING FE' 'C34 H32 Fe N4 O4'
MAN D-saccharide, alpha linking alpha-D-mannopyranose 'C6 H12 O6'
NAG D-saccharide, beta linking 2-acetamido-2-deoxy-beta-D-glucopyranose 'C8 H15 N O6'
#
# COMPACT_ATOMS: atom_id res chain seq x y z
N GLY A 5 -9.89 -4.74 7.13
CA GLY A 5 -10.06 -3.74 6.04
C GLY A 5 -8.79 -3.61 5.22
N GLY A 6 -8.85 -2.80 4.17
CA GLY A 6 -7.69 -2.61 3.32
C GLY A 6 -7.95 -3.20 1.95
N GLY A 7 -8.04 -4.53 1.89
CA GLY A 7 -8.28 -5.18 0.62
C GLY A 7 -7.04 -5.87 0.08
N SER A 8 -7.24 -6.81 -0.84
CA SER A 8 -6.13 -7.54 -1.43
C SER A 8 -5.29 -6.57 -2.25
N VAL A 9 -3.99 -6.81 -2.31
CA VAL A 9 -3.08 -5.96 -3.08
C VAL A 9 -2.22 -6.78 -4.02
N THR A 10 -1.58 -6.10 -4.97
CA THR A 10 -0.71 -6.78 -5.90
C THR A 10 0.70 -6.32 -5.59
N CYS A 11 1.60 -7.28 -5.37
CA CYS A 11 2.99 -6.98 -5.06
C CYS A 11 3.75 -6.57 -6.30
N PRO A 12 4.98 -6.03 -6.11
CA PRO A 12 5.79 -5.60 -7.25
C PRO A 12 6.00 -6.71 -8.27
N GLY A 13 6.11 -7.94 -7.76
CA GLY A 13 6.32 -9.08 -8.64
C GLY A 13 5.06 -9.60 -9.29
N GLY A 14 3.94 -8.92 -9.06
CA GLY A 14 2.70 -9.34 -9.68
C GLY A 14 1.89 -10.33 -8.85
N GLN A 15 2.49 -10.87 -7.79
CA GLN A 15 1.77 -11.82 -6.95
C GLN A 15 0.64 -11.11 -6.22
N SER A 16 -0.40 -11.86 -5.88
CA SER A 16 -1.54 -11.32 -5.16
C SER A 16 -1.47 -11.77 -3.70
N THR A 17 -1.63 -10.83 -2.78
CA THR A 17 -1.56 -11.16 -1.36
C THR A 17 -2.57 -10.35 -0.54
N SER A 18 -2.80 -10.78 0.69
CA SER A 18 -3.75 -10.14 1.58
C SER A 18 -3.31 -8.79 2.16
N ASN A 19 -2.02 -8.61 2.38
CA ASN A 19 -1.51 -7.35 2.94
C ASN A 19 -0.14 -7.00 2.34
N SER A 20 0.11 -5.71 2.19
CA SER A 20 1.38 -5.23 1.62
C SER A 20 2.59 -5.76 2.39
N GLN A 21 2.39 -6.04 3.67
CA GLN A 21 3.48 -6.53 4.51
C GLN A 21 3.90 -7.95 4.14
N CYS A 22 3.11 -8.62 3.31
CA CYS A 22 3.42 -9.98 2.89
C CYS A 22 4.35 -10.00 1.67
N CYS A 23 4.39 -8.91 0.92
CA CYS A 23 5.21 -8.83 -0.28
C CYS A 23 6.69 -9.17 -0.16
N VAL A 24 7.34 -8.72 0.91
CA VAL A 24 8.76 -9.01 1.06
C VAL A 24 9.03 -10.51 1.23
N TRP A 25 8.03 -11.24 1.72
CA TRP A 25 8.18 -12.67 1.94
C TRP A 25 8.27 -13.51 0.67
N PHE A 26 7.83 -12.95 -0.45
CA PHE A 26 7.92 -13.68 -1.71
C PHE A 26 9.39 -13.74 -2.14
N ASP A 27 10.17 -12.73 -1.74
CA ASP A 27 11.60 -12.70 -2.05
C ASP A 27 12.30 -13.75 -1.20
N VAL A 28 11.96 -13.78 0.08
CA VAL A 28 12.54 -14.74 1.00
C VAL A 28 12.19 -16.15 0.51
N LEU A 29 10.95 -16.30 0.04
CA LEU A 29 10.47 -17.59 -0.46
C LEU A 29 11.35 -18.11 -1.60
N ASP A 30 11.65 -17.25 -2.56
N ASP A 30 11.65 -17.25 -2.57
CA ASP A 30 12.47 -17.63 -3.70
CA ASP A 30 12.47 -17.67 -3.70
C ASP A 30 13.87 -18.00 -3.24
C ASP A 30 13.88 -18.01 -3.24
N ASP A 31 14.40 -17.20 -2.31
CA ASP A 31 15.74 -17.42 -1.78
C ASP A 31 15.82 -18.81 -1.14
N LEU A 32 14.94 -19.06 -0.18
CA LEU A 32 14.91 -20.34 0.54
C LEU A 32 14.72 -21.54 -0.39
N GLN A 33 13.70 -21.49 -1.24
CA GLN A 33 13.43 -22.60 -2.15
C GLN A 33 14.59 -22.86 -3.11
N THR A 34 15.23 -21.78 -3.58
CA THR A 34 16.35 -21.90 -4.50
C THR A 34 17.63 -22.37 -3.84
N ASN A 35 18.00 -21.70 -2.75
CA ASN A 35 19.24 -21.99 -2.05
C ASN A 35 19.13 -22.94 -0.86
N PHE A 36 18.55 -22.48 0.23
CA PHE A 36 18.39 -23.28 1.45
C PHE A 36 17.84 -24.67 1.20
N TYR A 37 16.73 -24.76 0.48
CA TYR A 37 16.10 -26.04 0.18
C TYR A 37 16.58 -26.66 -1.12
N GLN A 38 17.71 -26.16 -1.62
CA GLN A 38 18.34 -26.68 -2.83
C GLN A 38 17.39 -27.11 -3.94
N GLY A 39 16.45 -26.24 -4.30
CA GLY A 39 15.51 -26.58 -5.35
C GLY A 39 14.20 -27.14 -4.83
N SER A 40 13.67 -26.49 -3.79
CA SER A 40 12.41 -26.91 -3.18
C SER A 40 12.38 -28.37 -2.77
N LYS A 41 13.50 -28.85 -2.22
CA LYS A 41 13.58 -30.25 -1.78
C LYS A 41 13.12 -30.45 -0.34
N CYS A 42 12.76 -31.69 -0.02
CA CYS A 42 12.34 -32.06 1.32
C CYS A 42 13.41 -32.95 1.94
N GLU A 43 14.53 -32.35 2.32
CA GLU A 43 15.63 -33.11 2.92
C GLU A 43 16.04 -32.57 4.29
N SER A 44 17.27 -32.83 4.70
CA SER A 44 17.73 -32.39 6.01
C SER A 44 17.36 -30.97 6.42
N PRO A 45 17.62 -29.97 5.56
CA PRO A 45 17.28 -28.59 5.91
C PRO A 45 15.84 -28.41 6.39
N VAL A 46 14.90 -29.13 5.78
CA VAL A 46 13.50 -29.01 6.19
C VAL A 46 13.34 -29.51 7.61
N ARG A 47 13.93 -30.68 7.89
CA ARG A 47 13.84 -31.26 9.21
C ARG A 47 14.54 -30.38 10.25
N LYS A 48 15.71 -29.87 9.90
CA LYS A 48 16.44 -28.99 10.81
C LYS A 48 15.63 -27.73 11.11
N SER A 49 14.99 -27.21 10.07
CA SER A 49 14.16 -26.01 10.19
C SER A 49 13.00 -26.19 11.16
N LEU A 50 12.29 -27.31 11.01
CA LEU A 50 11.16 -27.64 11.87
C LEU A 50 11.61 -27.77 13.32
N ARG A 51 12.74 -28.45 13.51
CA ARG A 51 13.29 -28.65 14.83
C ARG A 51 13.60 -27.29 15.46
N ILE A 52 14.18 -26.39 14.66
CA ILE A 52 14.53 -25.05 15.14
C ILE A 52 13.29 -24.21 15.47
N ALA A 53 12.21 -24.40 14.71
CA ALA A 53 10.99 -23.66 14.95
C ALA A 53 10.47 -23.99 16.35
N PHE A 54 10.59 -25.25 16.73
CA PHE A 54 10.16 -25.72 18.04
C PHE A 54 11.07 -25.19 19.13
N HIS A 55 12.37 -25.46 19.01
CA HIS A 55 13.34 -25.02 20.03
C HIS A 55 13.43 -23.52 20.26
N ASP A 56 12.98 -22.71 19.31
CA ASP A 56 13.02 -21.27 19.53
C ASP A 56 11.80 -20.84 20.31
N ALA A 57 10.63 -21.28 19.84
CA ALA A 57 9.35 -20.95 20.45
C ALA A 57 9.13 -21.51 21.85
N ILE A 58 9.56 -22.75 22.08
CA ILE A 58 9.37 -23.40 23.37
C ILE A 58 10.06 -22.71 24.54
N GLY A 59 11.02 -21.83 24.26
CA GLY A 59 11.68 -21.11 25.32
C GLY A 59 10.75 -20.02 25.83
N PHE A 60 9.65 -20.45 26.42
CA PHE A 60 8.62 -19.55 26.96
C PHE A 60 8.07 -20.24 28.20
N SER A 61 8.13 -19.57 29.36
CA SER A 61 7.66 -20.17 30.59
C SER A 61 6.91 -19.26 31.55
N PRO A 62 5.57 -19.36 31.59
CA PRO A 62 4.78 -18.52 32.49
C PRO A 62 5.16 -18.79 33.95
N ALA A 63 5.59 -20.01 34.24
CA ALA A 63 5.97 -20.39 35.59
C ALA A 63 7.14 -19.55 36.09
N LEU A 64 8.17 -19.39 35.25
CA LEU A 64 9.32 -18.57 35.62
C LEU A 64 8.83 -17.16 35.90
N THR A 65 7.96 -16.67 35.02
CA THR A 65 7.42 -15.32 35.16
C THR A 65 6.65 -15.17 36.47
N ALA A 66 5.94 -16.21 36.87
CA ALA A 66 5.18 -16.18 38.11
C ALA A 66 6.12 -16.20 39.30
N ALA A 67 7.36 -16.60 39.06
CA ALA A 67 8.36 -16.66 40.12
C ALA A 67 9.25 -15.43 40.07
N GLY A 68 8.82 -14.42 39.33
CA GLY A 68 9.58 -13.18 39.22
C GLY A 68 10.84 -13.23 38.39
N GLN A 69 10.91 -14.18 37.45
CA GLN A 69 12.09 -14.29 36.60
C GLN A 69 11.71 -14.18 35.13
N PHE A 70 12.69 -13.93 34.27
CA PHE A 70 12.43 -13.84 32.84
C PHE A 70 12.10 -15.26 32.36
N GLY A 71 10.91 -15.43 31.77
CA GLY A 71 10.52 -16.75 31.32
C GLY A 71 10.82 -17.07 29.88
N GLY A 72 11.41 -16.11 29.16
CA GLY A 72 11.73 -16.33 27.76
C GLY A 72 10.74 -15.63 26.85
N GLY A 73 11.20 -15.23 25.66
CA GLY A 73 10.34 -14.52 24.74
C GLY A 73 9.63 -15.36 23.68
N GLY A 74 9.73 -16.68 23.78
CA GLY A 74 9.07 -17.55 22.82
C GLY A 74 9.66 -17.48 21.42
N ALA A 75 8.80 -17.45 20.42
CA ALA A 75 9.22 -17.40 19.02
C ALA A 75 9.84 -16.06 18.63
N ASP A 76 10.80 -15.62 19.45
CA ASP A 76 11.49 -14.35 19.25
C ASP A 76 12.81 -14.44 18.47
N GLY A 77 13.10 -15.61 17.91
CA GLY A 77 14.34 -15.78 17.16
C GLY A 77 15.59 -15.74 18.02
N SER A 78 15.42 -15.91 19.34
CA SER A 78 16.54 -15.87 20.28
C SER A 78 17.56 -16.98 20.04
N ILE A 79 17.13 -18.09 19.45
CA ILE A 79 18.03 -19.20 19.20
C ILE A 79 19.08 -18.79 18.17
N ILE A 80 18.78 -17.77 17.37
CA ILE A 80 19.73 -17.28 16.38
C ILE A 80 20.50 -16.08 16.92
N ALA A 81 19.77 -15.06 17.37
CA ALA A 81 20.38 -13.83 17.90
C ALA A 81 21.25 -14.11 19.13
N HIS A 82 20.96 -15.22 19.80
CA HIS A 82 21.71 -15.61 20.99
C HIS A 82 22.12 -17.07 20.86
N SER A 83 22.56 -17.44 19.66
CA SER A 83 22.97 -18.81 19.37
C SER A 83 24.18 -19.29 20.21
N ASN A 84 25.07 -18.36 20.55
CA ASN A 84 26.23 -18.71 21.34
C ASN A 84 25.78 -19.32 22.66
N ILE A 85 24.72 -18.74 23.23
CA ILE A 85 24.18 -19.22 24.49
C ILE A 85 23.26 -20.42 24.34
N GLU A 86 22.25 -20.28 23.49
CA GLU A 86 21.27 -21.34 23.29
C GLU A 86 21.76 -22.61 22.62
N LEU A 87 22.72 -22.51 21.70
CA LEU A 87 23.22 -23.71 21.04
C LEU A 87 24.09 -24.54 21.97
N ALA A 88 24.24 -24.06 23.21
CA ALA A 88 25.02 -24.78 24.20
C ALA A 88 24.09 -25.72 24.95
N PHE A 89 22.78 -25.50 24.80
CA PHE A 89 21.79 -26.34 25.47
C PHE A 89 21.87 -27.78 24.96
N PRO A 90 21.58 -28.75 25.83
CA PRO A 90 21.62 -30.17 25.49
C PRO A 90 20.80 -30.53 24.25
N ALA A 91 19.61 -29.96 24.12
CA ALA A 91 18.72 -30.24 23.01
C ALA A 91 19.00 -29.48 21.71
N ASN A 92 19.96 -28.55 21.72
CA ASN A 92 20.24 -27.78 20.52
C ASN A 92 21.48 -28.16 19.70
N GLY A 93 21.91 -29.41 19.82
CA GLY A 93 23.06 -29.84 19.06
C GLY A 93 22.69 -30.12 17.61
N GLY A 94 23.67 -29.99 16.72
CA GLY A 94 23.45 -30.23 15.30
C GLY A 94 22.60 -29.20 14.58
N LEU A 95 22.53 -27.99 15.13
CA LEU A 95 21.73 -26.93 14.53
C LEU A 95 22.54 -25.74 14.02
N THR A 96 23.76 -25.60 14.53
CA THR A 96 24.64 -24.50 14.17
C THR A 96 24.65 -24.11 12.69
N ASP A 97 24.96 -25.07 11.82
CA ASP A 97 25.03 -24.81 10.40
C ASP A 97 23.72 -24.27 9.84
N THR A 98 22.60 -24.81 10.32
CA THR A 98 21.30 -24.37 9.84
C THR A 98 21.00 -22.98 10.38
N VAL A 99 21.43 -22.73 11.61
CA VAL A 99 21.23 -21.43 12.25
C VAL A 99 21.99 -20.34 11.50
N GLU A 100 23.22 -20.64 11.07
CA GLU A 100 24.02 -19.67 10.33
C GLU A 100 23.42 -19.37 8.96
N ALA A 101 22.86 -20.38 8.31
CA ALA A 101 22.24 -20.21 7.01
C ALA A 101 21.01 -19.30 7.15
N LEU A 102 20.24 -19.54 8.21
CA LEU A 102 19.04 -18.73 8.46
C LEU A 102 19.41 -17.30 8.88
N ARG A 103 20.50 -17.15 9.63
CA ARG A 103 20.95 -15.82 10.06
C ARG A 103 21.23 -14.94 8.84
N ALA A 104 21.87 -15.52 7.84
CA ALA A 104 22.23 -14.77 6.63
C ALA A 104 21.01 -14.36 5.79
N VAL A 105 20.05 -15.26 5.67
CA VAL A 105 18.85 -14.96 4.90
C VAL A 105 18.08 -13.82 5.56
N GLY A 106 18.01 -13.87 6.89
CA GLY A 106 17.31 -12.84 7.63
C GLY A 106 17.99 -11.49 7.52
N ILE A 107 19.31 -11.49 7.70
CA ILE A 107 20.09 -10.26 7.62
C ILE A 107 19.99 -9.59 6.25
N ASN A 108 20.15 -10.39 5.20
N ASN A 108 20.15 -10.39 5.20
CA ASN A 108 20.08 -9.85 3.85
CA ASN A 108 20.09 -9.88 3.84
C ASN A 108 18.70 -9.32 3.50
C ASN A 108 18.72 -9.34 3.44
N HIS A 109 17.69 -10.16 3.61
CA HIS A 109 16.33 -9.77 3.28
C HIS A 109 15.69 -8.80 4.25
N GLY A 110 16.35 -8.59 5.39
CA GLY A 110 15.83 -7.66 6.37
C GLY A 110 14.58 -8.07 7.14
N VAL A 111 14.38 -9.36 7.34
CA VAL A 111 13.22 -9.83 8.09
C VAL A 111 13.70 -10.29 9.47
N SER A 112 12.84 -10.22 10.47
CA SER A 112 13.23 -10.62 11.82
C SER A 112 13.50 -12.11 11.94
N PHE A 113 14.40 -12.47 12.85
CA PHE A 113 14.74 -13.87 13.05
C PHE A 113 13.51 -14.67 13.45
N GLY A 114 12.69 -14.10 14.33
CA GLY A 114 11.48 -14.79 14.76
C GLY A 114 10.55 -15.17 13.62
N ASP A 115 10.25 -14.19 12.76
CA ASP A 115 9.37 -14.43 11.62
C ASP A 115 9.98 -15.43 10.63
N LEU A 116 11.27 -15.26 10.35
CA LEU A 116 11.97 -16.13 9.41
C LEU A 116 11.94 -17.59 9.81
N ILE A 117 12.22 -17.86 11.07
CA ILE A 117 12.23 -19.23 11.58
C ILE A 117 10.91 -19.94 11.34
N GLN A 118 9.80 -19.28 11.66
CA GLN A 118 8.50 -19.89 11.46
C GLN A 118 8.19 -19.97 9.97
N PHE A 119 8.68 -19.00 9.21
CA PHE A 119 8.44 -18.97 7.77
C PHE A 119 9.14 -20.15 7.10
N ALA A 120 10.42 -20.33 7.42
CA ALA A 120 11.20 -21.42 6.85
C ALA A 120 10.56 -22.78 7.12
N ALA A 121 10.06 -22.97 8.33
CA ALA A 121 9.42 -24.23 8.70
C ALA A 121 8.21 -24.49 7.79
N ALA A 122 7.33 -23.49 7.68
CA ALA A 122 6.14 -23.62 6.86
C ALA A 122 6.49 -23.90 5.39
N VAL A 123 7.45 -23.15 4.86
CA VAL A 123 7.87 -23.33 3.48
C VAL A 123 8.48 -24.71 3.27
N GLY A 124 9.34 -25.11 4.20
CA GLY A 124 10.00 -26.40 4.11
C GLY A 124 9.02 -27.55 4.03
N MET A 125 7.99 -27.51 4.87
CA MET A 125 6.99 -28.57 4.89
C MET A 125 6.21 -28.66 3.58
N SER A 126 6.07 -27.53 2.88
CA SER A 126 5.34 -27.53 1.63
C SER A 126 6.08 -28.35 0.57
N ASN A 127 7.35 -28.65 0.85
CA ASN A 127 8.18 -29.44 -0.06
C ASN A 127 8.02 -30.93 0.19
N CYS A 128 7.40 -31.27 1.31
CA CYS A 128 7.19 -32.67 1.65
C CYS A 128 5.74 -33.07 1.44
N PRO A 129 5.49 -34.02 0.54
CA PRO A 129 4.15 -34.52 0.22
C PRO A 129 3.29 -34.85 1.43
N GLY A 130 2.03 -34.41 1.41
CA GLY A 130 1.13 -34.70 2.51
C GLY A 130 1.04 -33.62 3.57
N SER A 131 2.02 -32.71 3.59
CA SER A 131 2.05 -31.64 4.58
C SER A 131 0.92 -30.63 4.41
N PRO A 132 0.39 -30.12 5.53
CA PRO A 132 -0.69 -29.13 5.51
C PRO A 132 -0.05 -27.77 5.29
N ARG A 133 -0.85 -26.78 4.89
CA ARG A 133 -0.35 -25.43 4.67
C ARG A 133 -0.45 -24.68 6.01
N LEU A 134 0.68 -24.59 6.71
CA LEU A 134 0.72 -23.92 8.00
C LEU A 134 0.43 -22.43 7.94
N GLU A 135 -0.19 -21.92 9.00
CA GLU A 135 -0.49 -20.51 9.11
C GLU A 135 0.84 -19.78 9.23
N PHE A 136 0.91 -18.56 8.70
CA PHE A 136 2.12 -17.76 8.81
C PHE A 136 1.79 -16.29 9.08
N LEU A 137 2.20 -15.81 10.24
CA LEU A 137 1.98 -14.43 10.63
C LEU A 137 3.34 -13.75 10.60
N THR A 138 3.36 -12.44 10.37
CA THR A 138 4.61 -11.70 10.34
C THR A 138 4.49 -10.45 11.21
N GLY A 139 5.65 -9.94 11.65
CA GLY A 139 5.64 -8.75 12.48
C GLY A 139 6.32 -8.91 13.83
N ARG A 140 6.94 -10.06 14.08
CA ARG A 140 7.61 -10.28 15.35
C ARG A 140 8.86 -9.41 15.39
N SER A 141 9.12 -8.78 16.52
CA SER A 141 10.32 -7.95 16.66
C SER A 141 11.56 -8.81 16.42
N ASN A 142 12.63 -8.20 15.89
CA ASN A 142 13.88 -8.92 15.64
C ASN A 142 14.71 -8.97 16.93
N SER A 143 14.29 -8.21 17.93
CA SER A 143 14.99 -8.15 19.20
C SER A 143 14.57 -9.25 20.17
N SER A 144 15.49 -9.70 21.00
CA SER A 144 15.21 -10.74 21.96
C SER A 144 16.27 -10.84 23.06
N GLN A 145 15.94 -11.57 24.13
CA GLN A 145 16.85 -11.81 25.23
C GLN A 145 17.12 -13.30 25.14
N PRO A 146 18.31 -13.75 25.59
CA PRO A 146 18.55 -15.19 25.49
C PRO A 146 17.52 -15.99 26.27
N SER A 147 17.18 -17.17 25.75
CA SER A 147 16.20 -18.02 26.41
C SER A 147 16.75 -18.60 27.69
N PRO A 148 15.90 -18.73 28.72
CA PRO A 148 16.38 -19.30 29.98
C PRO A 148 16.71 -20.75 29.67
N PRO A 149 17.62 -21.37 30.43
CA PRO A 149 17.96 -22.77 30.17
C PRO A 149 16.86 -23.73 30.65
N SER A 150 17.06 -25.01 30.40
CA SER A 150 16.15 -26.07 30.82
C SER A 150 14.67 -25.94 30.45
N LEU A 151 14.36 -25.30 29.33
CA LEU A 151 12.97 -25.17 28.91
C LEU A 151 12.58 -26.08 27.74
N ILE A 152 13.55 -26.81 27.19
CA ILE A 152 13.26 -27.71 26.07
C ILE A 152 13.12 -29.14 26.57
N PRO A 153 11.98 -29.79 26.29
CA PRO A 153 11.79 -31.17 26.73
C PRO A 153 12.87 -32.09 26.14
N GLY A 154 13.39 -33.00 26.96
CA GLY A 154 14.42 -33.92 26.52
C GLY A 154 13.92 -35.33 26.25
N PRO A 155 14.59 -36.08 25.34
CA PRO A 155 14.18 -37.44 25.01
C PRO A 155 14.21 -38.42 26.18
N GLY A 156 14.97 -38.09 27.22
CA GLY A 156 15.05 -38.98 28.37
C GLY A 156 14.08 -38.61 29.47
N ASN A 157 13.30 -37.55 29.27
CA ASN A 157 12.33 -37.10 30.26
C ASN A 157 11.14 -38.04 30.39
N THR A 158 10.55 -38.07 31.57
CA THR A 158 9.37 -38.90 31.79
C THR A 158 8.19 -38.18 31.14
N VAL A 159 7.10 -38.89 30.93
CA VAL A 159 5.93 -38.28 30.32
C VAL A 159 5.45 -37.14 31.23
N THR A 160 5.47 -37.39 32.54
CA THR A 160 5.03 -36.38 33.50
C THR A 160 5.82 -35.08 33.32
N ALA A 161 7.12 -35.19 33.14
CA ALA A 161 7.97 -34.02 32.94
C ALA A 161 7.63 -33.32 31.61
N ILE A 162 7.46 -34.11 30.56
CA ILE A 162 7.14 -33.56 29.24
C ILE A 162 5.80 -32.84 29.27
N LEU A 163 4.79 -33.46 29.86
CA LEU A 163 3.47 -32.86 29.94
C LEU A 163 3.49 -31.56 30.73
N ASP A 164 4.26 -31.56 31.81
CA ASP A 164 4.39 -30.38 32.66
C ASP A 164 5.03 -29.21 31.90
N ARG A 165 6.13 -29.48 31.20
CA ARG A 165 6.82 -28.44 30.43
C ARG A 165 5.87 -27.84 29.40
N PHE A 166 5.24 -28.70 28.60
CA PHE A 166 4.29 -28.24 27.59
C PHE A 166 3.10 -27.56 28.26
N GLY A 167 2.64 -28.14 29.36
CA GLY A 167 1.52 -27.57 30.08
C GLY A 167 1.81 -26.13 30.47
N ASP A 168 3.00 -25.92 31.02
CA ASP A 168 3.43 -24.58 31.44
C ASP A 168 3.40 -23.63 30.24
N ALA A 169 3.88 -24.13 29.10
CA ALA A 169 3.93 -23.35 27.87
C ALA A 169 2.55 -23.02 27.35
N GLY A 170 1.56 -23.85 27.69
CA GLY A 170 0.19 -23.60 27.26
C GLY A 170 -0.45 -24.70 26.44
N PHE A 171 0.18 -25.87 26.39
CA PHE A 171 -0.33 -26.99 25.60
C PHE A 171 -0.87 -28.14 26.43
N SER A 172 -1.99 -28.71 25.99
CA SER A 172 -2.61 -29.84 26.66
C SER A 172 -1.96 -31.12 26.16
N PRO A 173 -2.13 -32.24 26.88
CA PRO A 173 -1.53 -33.51 26.46
C PRO A 173 -1.90 -33.86 25.02
N ASP A 174 -3.15 -33.61 24.65
CA ASP A 174 -3.62 -33.89 23.30
C ASP A 174 -2.79 -33.09 22.29
N GLU A 175 -2.51 -31.84 22.63
CA GLU A 175 -1.74 -30.96 21.75
C GLU A 175 -0.29 -31.38 21.62
N VAL A 176 0.26 -31.99 22.67
CA VAL A 176 1.65 -32.45 22.63
C VAL A 176 1.72 -33.58 21.60
N VAL A 177 0.74 -34.47 21.66
CA VAL A 177 0.68 -35.59 20.72
C VAL A 177 0.55 -35.04 19.30
N ASP A 178 -0.33 -34.06 19.12
CA ASP A 178 -0.52 -33.45 17.80
C ASP A 178 0.78 -32.82 17.29
N LEU A 179 1.48 -32.16 18.19
CA LEU A 179 2.74 -31.48 17.86
C LEU A 179 3.80 -32.46 17.38
N LEU A 180 3.80 -33.67 17.96
CA LEU A 180 4.78 -34.68 17.61
C LEU A 180 4.61 -35.24 16.19
N ALA A 181 3.57 -34.82 15.49
CA ALA A 181 3.34 -35.30 14.13
C ALA A 181 4.54 -34.90 13.27
N ALA A 182 5.30 -33.92 13.76
CA ALA A 182 6.49 -33.46 13.03
C ALA A 182 7.52 -34.57 12.91
N HIS A 183 7.44 -35.56 13.78
CA HIS A 183 8.40 -36.66 13.72
C HIS A 183 8.12 -37.60 12.56
N SER A 184 7.11 -37.27 11.75
CA SER A 184 6.77 -38.06 10.58
C SER A 184 7.73 -37.67 9.47
N LEU A 185 8.53 -36.63 9.73
CA LEU A 185 9.54 -36.12 8.78
C LEU A 185 10.79 -35.93 9.61
N ALA A 186 11.23 -36.98 10.28
CA ALA A 186 12.38 -36.88 11.17
C ALA A 186 13.36 -38.03 11.15
N SER A 187 14.55 -37.72 11.65
CA SER A 187 15.65 -38.67 11.77
C SER A 187 16.49 -38.14 12.93
N GLN A 188 17.56 -38.83 13.26
CA GLN A 188 18.43 -38.36 14.33
C GLN A 188 19.86 -38.41 13.86
N GLU A 189 20.68 -37.48 14.35
CA GLU A 189 22.08 -37.44 13.98
C GLU A 189 22.94 -37.42 15.24
N GLY A 190 22.38 -36.87 16.32
CA GLY A 190 23.13 -36.75 17.57
C GLY A 190 22.91 -37.77 18.66
N LEU A 191 21.87 -38.60 18.55
CA LEU A 191 21.61 -39.60 19.58
C LEU A 191 22.51 -40.82 19.42
N ASN A 192 22.75 -41.20 18.18
CA ASN A 192 23.59 -42.35 17.86
C ASN A 192 24.36 -42.06 16.57
N SER A 193 25.50 -41.39 16.70
CA SER A 193 26.31 -41.02 15.54
C SER A 193 26.69 -42.21 14.64
N ALA A 194 26.60 -43.43 15.17
CA ALA A 194 26.96 -44.62 14.39
C ALA A 194 25.99 -44.90 13.25
N ILE A 195 24.75 -44.41 13.38
CA ILE A 195 23.75 -44.60 12.35
C ILE A 195 23.14 -43.25 12.00
N PHE A 196 23.94 -42.43 11.33
CA PHE A 196 23.59 -41.07 10.91
C PHE A 196 22.31 -40.98 10.07
N ARG A 197 21.43 -40.08 10.47
CA ARG A 197 20.15 -39.85 9.80
C ARG A 197 19.20 -41.04 9.74
N SER A 198 19.22 -41.86 10.79
CA SER A 198 18.32 -43.00 10.89
C SER A 198 16.93 -42.40 11.10
N PRO A 199 15.98 -42.67 10.20
CA PRO A 199 14.61 -42.14 10.29
C PRO A 199 13.72 -42.62 11.45
N LEU A 200 12.80 -41.75 11.87
CA LEU A 200 11.87 -42.05 12.94
C LEU A 200 10.69 -42.87 12.43
N ASP A 201 10.36 -42.73 11.13
CA ASP A 201 9.29 -43.51 10.53
C ASP A 201 9.73 -43.97 9.14
N SER A 202 8.97 -44.87 8.53
CA SER A 202 9.32 -45.39 7.21
C SER A 202 9.22 -44.41 6.06
N THR A 203 8.74 -43.20 6.33
CA THR A 203 8.59 -42.19 5.28
C THR A 203 9.06 -40.82 5.75
N PRO A 204 10.37 -40.63 5.91
CA PRO A 204 10.94 -39.36 6.36
C PRO A 204 10.67 -38.17 5.43
N GLN A 205 10.15 -38.44 4.24
CA GLN A 205 9.85 -37.37 3.29
C GLN A 205 8.36 -37.24 2.99
N VAL A 206 7.54 -37.91 3.79
CA VAL A 206 6.09 -37.86 3.62
C VAL A 206 5.42 -37.56 4.95
N PHE A 207 4.72 -36.43 5.03
CA PHE A 207 4.02 -36.06 6.25
C PHE A 207 2.78 -36.94 6.33
N ASP A 208 2.89 -38.06 7.03
CA ASP A 208 1.77 -38.99 7.15
C ASP A 208 1.66 -39.54 8.58
N THR A 209 0.73 -40.47 8.77
CA THR A 209 0.50 -41.07 10.08
C THR A 209 1.41 -42.24 10.39
N GLN A 210 2.31 -42.58 9.47
CA GLN A 210 3.21 -43.70 9.67
C GLN A 210 3.96 -43.64 11.00
N PHE A 211 4.36 -42.45 11.41
CA PHE A 211 5.07 -42.29 12.67
C PHE A 211 4.26 -42.77 13.86
N TYR A 212 2.98 -42.43 13.91
CA TYR A 212 2.12 -42.84 15.02
C TYR A 212 1.91 -44.35 15.03
N ILE A 213 1.75 -44.92 13.86
CA ILE A 213 1.55 -46.36 13.72
C ILE A 213 2.78 -47.16 14.13
N GLU A 214 3.89 -46.89 13.46
CA GLU A 214 5.13 -47.60 13.70
C GLU A 214 5.74 -47.46 15.09
N THR A 215 5.47 -46.34 15.77
CA THR A 215 5.99 -46.14 17.10
C THR A 215 5.27 -47.07 18.08
N LEU A 216 4.08 -47.51 17.70
CA LEU A 216 3.28 -48.40 18.54
C LEU A 216 3.65 -49.88 18.34
N LEU A 217 4.40 -50.17 17.28
CA LEU A 217 4.81 -51.54 17.00
C LEU A 217 5.80 -52.01 18.06
N LYS A 218 5.90 -53.31 18.22
CA LYS A 218 6.82 -53.87 19.20
C LYS A 218 8.26 -53.65 18.75
N GLY A 219 9.10 -53.17 19.65
CA GLY A 219 10.49 -52.93 19.33
C GLY A 219 11.17 -54.28 19.23
N THR A 220 11.78 -54.56 18.08
CA THR A 220 12.42 -55.87 17.91
C THR A 220 13.88 -55.84 17.47
N THR A 221 14.27 -54.84 16.68
CA THR A 221 15.65 -54.78 16.23
C THR A 221 16.43 -53.56 16.70
N GLN A 222 17.75 -53.69 16.63
CA GLN A 222 18.67 -52.63 17.03
C GLN A 222 19.32 -52.12 15.76
N PRO A 223 19.09 -50.85 15.41
CA PRO A 223 19.65 -50.25 14.19
C PRO A 223 21.17 -50.19 14.09
N GLY A 224 21.86 -49.90 15.19
CA GLY A 224 23.31 -49.80 15.15
C GLY A 224 24.06 -50.75 16.06
N PRO A 225 25.41 -50.74 16.01
CA PRO A 225 26.32 -51.57 16.81
C PRO A 225 26.01 -51.52 18.30
N SER A 226 25.59 -50.35 18.77
CA SER A 226 25.26 -50.16 20.17
C SER A 226 24.10 -49.17 20.22
N LEU A 227 23.50 -49.01 21.39
CA LEU A 227 22.38 -48.08 21.53
C LEU A 227 22.88 -46.69 21.89
N GLY A 228 22.20 -45.67 21.36
CA GLY A 228 22.59 -44.30 21.64
C GLY A 228 21.81 -43.74 22.80
N PHE A 229 22.00 -42.46 23.11
CA PHE A 229 21.28 -41.85 24.23
C PHE A 229 19.78 -41.86 23.97
N ALA A 230 19.01 -42.27 24.97
CA ALA A 230 17.56 -42.32 24.89
C ALA A 230 17.02 -43.12 23.70
N GLU A 231 17.70 -44.19 23.34
CA GLU A 231 17.27 -45.01 22.21
C GLU A 231 16.56 -46.29 22.68
N GLU A 232 15.54 -46.69 21.94
CA GLU A 232 14.78 -47.90 22.24
C GLU A 232 14.79 -48.77 20.99
N LEU A 233 14.52 -50.06 21.16
CA LEU A 233 14.50 -50.96 20.00
C LEU A 233 13.40 -50.51 19.06
N SER A 234 13.64 -50.61 17.76
CA SER A 234 12.66 -50.20 16.77
C SER A 234 12.11 -51.41 16.03
N PRO A 235 11.04 -51.23 15.24
CA PRO A 235 10.42 -52.32 14.47
C PRO A 235 11.09 -52.72 13.17
N PHE A 236 11.89 -51.82 12.59
CA PHE A 236 12.53 -52.14 11.31
C PHE A 236 14.02 -51.87 11.33
N PRO A 237 14.79 -52.62 10.54
CA PRO A 237 16.24 -52.42 10.48
C PRO A 237 16.45 -51.02 9.93
N GLY A 238 17.43 -50.29 10.46
CA GLY A 238 17.70 -48.96 9.97
C GLY A 238 16.81 -47.90 10.58
N GLY A 239 15.74 -48.33 11.24
CA GLY A 239 14.81 -47.40 11.86
C GLY A 239 15.24 -47.07 13.28
N PHE A 240 14.89 -45.86 13.73
CA PHE A 240 15.24 -45.40 15.06
C PHE A 240 13.99 -45.10 15.88
N ARG A 241 14.10 -45.26 17.19
CA ARG A 241 12.98 -44.98 18.09
C ARG A 241 13.45 -44.24 19.34
N ILE A 242 12.90 -43.06 19.55
CA ILE A 242 13.24 -42.22 20.70
C ILE A 242 12.38 -42.67 21.89
N ARG A 243 13.00 -42.81 23.05
CA ARG A 243 12.30 -43.26 24.25
C ARG A 243 11.05 -42.43 24.58
N SER A 244 11.18 -41.10 24.54
CA SER A 244 10.04 -40.23 24.85
C SER A 244 8.85 -40.49 23.92
N ASP A 245 9.13 -40.78 22.65
CA ASP A 245 8.06 -41.07 21.69
C ASP A 245 7.40 -42.39 22.05
N ALA A 246 8.22 -43.37 22.39
CA ALA A 246 7.74 -44.69 22.76
C ALA A 246 6.84 -44.62 24.00
N LEU A 247 7.27 -43.84 24.98
CA LEU A 247 6.52 -43.68 26.22
C LEU A 247 5.20 -42.94 26.02
N LEU A 248 5.25 -41.85 25.26
CA LEU A 248 4.06 -41.05 25.00
C LEU A 248 3.00 -41.85 24.26
N ALA A 249 3.43 -42.71 23.35
CA ALA A 249 2.51 -43.54 22.58
C ALA A 249 1.78 -44.56 23.44
N ARG A 250 2.38 -44.93 24.57
CA ARG A 250 1.79 -45.94 25.45
C ARG A 250 1.25 -45.46 26.80
N ASP A 251 1.55 -44.21 27.16
CA ASP A 251 1.09 -43.65 28.43
C ASP A 251 -0.42 -43.39 28.41
N SER A 252 -1.11 -43.77 29.47
CA SER A 252 -2.56 -43.60 29.55
C SER A 252 -3.05 -42.16 29.37
N ARG A 253 -2.17 -41.19 29.59
CA ARG A 253 -2.54 -39.79 29.45
C ARG A 253 -2.51 -39.29 28.01
N THR A 254 -1.86 -40.06 27.14
CA THR A 254 -1.73 -39.66 25.75
C THR A 254 -1.99 -40.78 24.75
N ALA A 255 -2.16 -42.00 25.23
CA ALA A 255 -2.39 -43.16 24.37
C ALA A 255 -3.55 -43.09 23.39
N CYS A 256 -4.71 -42.63 23.84
CA CYS A 256 -5.86 -42.58 22.94
C CYS A 256 -5.74 -41.53 21.83
N ARG A 257 -5.20 -40.36 22.16
CA ARG A 257 -5.04 -39.33 21.13
C ARG A 257 -4.03 -39.82 20.10
N TRP A 258 -3.00 -40.52 20.58
CA TRP A 258 -1.96 -41.05 19.72
C TRP A 258 -2.54 -42.09 18.77
N GLN A 259 -3.41 -42.96 19.31
CA GLN A 259 -4.02 -44.00 18.48
C GLN A 259 -4.99 -43.38 17.47
N SER A 260 -5.68 -42.32 17.89
CA SER A 260 -6.63 -41.65 17.03
C SER A 260 -5.93 -41.06 15.81
N MET A 261 -4.62 -40.88 15.93
CA MET A 261 -3.79 -40.30 14.87
C MET A 261 -3.20 -41.32 13.89
N THR A 262 -3.69 -42.55 13.90
CA THR A 262 -3.13 -43.56 13.00
C THR A 262 -3.83 -43.78 11.65
N SER A 263 -5.14 -43.62 11.60
CA SER A 263 -5.87 -43.88 10.34
C SER A 263 -6.24 -42.70 9.45
N SER A 264 -6.05 -41.48 9.92
CA SER A 264 -6.42 -40.32 9.10
C SER A 264 -5.36 -39.25 8.94
N ASN A 265 -4.81 -39.13 7.73
CA ASN A 265 -3.81 -38.12 7.46
C ASN A 265 -4.43 -36.73 7.49
N GLU A 266 -5.69 -36.62 7.07
CA GLU A 266 -6.35 -35.31 7.07
C GLU A 266 -6.53 -34.79 8.48
N VAL A 267 -7.03 -35.63 9.39
CA VAL A 267 -7.23 -35.21 10.77
C VAL A 267 -5.89 -34.82 11.39
N MET A 268 -4.85 -35.59 11.09
CA MET A 268 -3.53 -35.31 11.60
C MET A 268 -3.08 -33.93 11.13
N GLY A 269 -3.27 -33.68 9.84
CA GLY A 269 -2.87 -32.40 9.25
C GLY A 269 -3.40 -31.15 9.92
N GLN A 270 -4.69 -31.08 10.19
CA GLN A 270 -5.24 -29.87 10.81
C GLN A 270 -4.91 -29.78 12.29
N ARG A 271 -4.80 -30.93 12.96
CA ARG A 271 -4.46 -30.94 14.38
C ARG A 271 -3.07 -30.34 14.50
N PHE A 272 -2.15 -30.79 13.64
CA PHE A 272 -0.79 -30.26 13.67
C PHE A 272 -0.77 -28.78 13.32
N ARG A 273 -1.58 -28.38 12.34
CA ARG A 273 -1.64 -26.98 11.95
C ARG A 273 -2.08 -26.10 13.10
N ALA A 274 -3.14 -26.52 13.79
CA ALA A 274 -3.69 -25.74 14.90
C ALA A 274 -2.70 -25.64 16.05
N ALA A 275 -2.05 -26.74 16.38
CA ALA A 275 -1.07 -26.77 17.45
C ALA A 275 0.12 -25.90 17.08
N MET A 276 0.56 -26.00 15.82
CA MET A 276 1.69 -25.20 15.33
C MET A 276 1.37 -23.72 15.31
N ALA A 277 0.12 -23.39 15.01
CA ALA A 277 -0.31 -22.00 14.95
C ALA A 277 -0.09 -21.34 16.32
N LYS A 278 -0.39 -22.08 17.37
CA LYS A 278 -0.23 -21.56 18.73
C LYS A 278 1.25 -21.49 19.13
N MET A 279 2.02 -22.49 18.70
N MET A 279 2.00 -22.51 18.71
CA MET A 279 3.44 -22.51 19.03
CA MET A 279 3.43 -22.60 19.00
C MET A 279 4.19 -21.36 18.35
C MET A 279 4.19 -21.44 18.36
N SER A 280 3.88 -21.13 17.09
N SER A 280 3.89 -21.17 17.10
CA SER A 280 4.53 -20.08 16.31
CA SER A 280 4.53 -20.12 16.33
C SER A 280 4.36 -18.67 16.87
C SER A 280 4.37 -18.72 16.89
N VAL A 281 3.38 -18.49 17.75
N VAL A 281 3.39 -18.51 17.77
CA VAL A 281 3.13 -17.18 18.33
CA VAL A 281 3.14 -17.19 18.31
C VAL A 281 3.38 -17.08 19.83
C VAL A 281 3.39 -17.07 19.82
N LEU A 282 4.05 -18.07 20.40
CA LEU A 282 4.34 -18.03 21.83
C LEU A 282 5.20 -16.80 22.13
N GLY A 283 4.75 -15.98 23.07
CA GLY A 283 5.48 -14.77 23.44
C GLY A 283 5.04 -13.55 22.66
N PHE A 284 3.92 -13.68 21.93
CA PHE A 284 3.40 -12.58 21.13
C PHE A 284 1.87 -12.57 21.13
N ASP A 285 1.31 -11.44 20.71
CA ASP A 285 -0.13 -11.27 20.58
C ASP A 285 -0.40 -11.46 19.10
N ARG A 286 -1.07 -12.54 18.73
CA ARG A 286 -1.33 -12.79 17.31
C ARG A 286 -2.08 -11.64 16.67
N ASN A 287 -2.84 -10.90 17.47
CA ASN A 287 -3.59 -9.78 16.94
C ASN A 287 -2.72 -8.58 16.63
N ALA A 288 -1.48 -8.62 17.08
CA ALA A 288 -0.54 -7.54 16.83
C ALA A 288 0.25 -7.86 15.56
N LEU A 289 0.10 -9.08 15.07
CA LEU A 289 0.79 -9.52 13.86
C LEU A 289 -0.11 -9.48 12.63
N THR A 290 0.48 -9.74 11.46
CA THR A 290 -0.26 -9.73 10.21
C THR A 290 -0.26 -11.12 9.58
N ASP A 291 -1.42 -11.55 9.11
CA ASP A 291 -1.56 -12.87 8.50
C ASP A 291 -1.05 -12.85 7.06
N CYS A 292 -0.05 -13.67 6.78
CA CYS A 292 0.52 -13.77 5.44
C CYS A 292 0.56 -15.22 4.98
N SER A 293 -0.46 -15.98 5.40
CA SER A 293 -0.57 -17.39 5.06
C SER A 293 -0.66 -17.68 3.57
N ASP A 294 -1.22 -16.73 2.81
CA ASP A 294 -1.37 -16.93 1.37
C ASP A 294 -0.03 -16.96 0.63
N VAL A 295 1.06 -16.74 1.35
CA VAL A 295 2.38 -16.75 0.75
C VAL A 295 2.92 -18.18 0.71
N ILE A 296 2.47 -18.99 1.65
CA ILE A 296 2.89 -20.39 1.75
C ILE A 296 2.32 -21.22 0.61
N PRO A 297 3.20 -21.83 -0.21
CA PRO A 297 2.70 -22.64 -1.32
C PRO A 297 2.11 -23.95 -0.80
N SER A 298 1.29 -24.59 -1.61
CA SER A 298 0.67 -25.85 -1.21
C SER A 298 1.63 -26.99 -1.53
N ALA A 299 1.49 -28.11 -0.83
CA ALA A 299 2.36 -29.26 -1.06
C ALA A 299 1.66 -30.31 -1.92
N VAL A 300 2.44 -31.28 -2.37
CA VAL A 300 1.90 -32.38 -3.17
C VAL A 300 1.02 -33.18 -2.22
N SER A 301 -0.13 -33.64 -2.69
CA SER A 301 -1.03 -34.42 -1.85
C SER A 301 -0.53 -35.85 -1.69
N ASN A 302 -0.70 -36.39 -0.49
CA ASN A 302 -0.29 -37.76 -0.21
C ASN A 302 -1.46 -38.70 -0.50
N ASN A 303 -1.30 -39.53 -1.52
CA ASN A 303 -2.35 -40.47 -1.93
C ASN A 303 -2.14 -41.86 -1.34
N ALA A 304 -1.03 -42.06 -0.65
CA ALA A 304 -0.76 -43.36 -0.04
C ALA A 304 -1.56 -43.49 1.24
N ALA A 305 -2.22 -44.63 1.42
CA ALA A 305 -3.02 -44.86 2.61
C ALA A 305 -2.16 -45.38 3.75
N PRO A 306 -2.57 -45.13 5.01
CA PRO A 306 -1.80 -45.59 6.17
C PRO A 306 -1.67 -47.10 6.10
N VAL A 307 -0.60 -47.65 6.68
CA VAL A 307 -0.40 -49.09 6.63
C VAL A 307 0.55 -49.61 7.68
N ILE A 308 0.38 -50.89 8.03
CA ILE A 308 1.26 -51.56 8.98
C ILE A 308 2.16 -52.31 7.99
N PRO A 309 3.39 -51.82 7.77
CA PRO A 309 4.34 -52.43 6.84
C PRO A 309 5.08 -53.70 7.23
N GLY A 310 5.77 -54.25 6.23
CA GLY A 310 6.59 -55.44 6.42
C GLY A 310 5.98 -56.78 6.79
N GLY A 311 4.68 -56.95 6.65
CA GLY A 311 4.08 -58.22 7.01
C GLY A 311 3.58 -58.25 8.45
N LEU A 312 3.87 -57.19 9.20
CA LEU A 312 3.43 -57.10 10.59
C LEU A 312 1.93 -56.83 10.59
N THR A 313 1.27 -57.16 11.69
CA THR A 313 -0.17 -56.95 11.80
C THR A 313 -0.54 -56.29 13.12
N VAL A 314 -1.85 -56.10 13.33
CA VAL A 314 -2.33 -55.48 14.55
C VAL A 314 -1.83 -56.23 15.78
N ASP A 315 -1.51 -57.50 15.59
CA ASP A 315 -1.01 -58.33 16.68
C ASP A 315 0.38 -57.86 17.10
N ASP A 316 1.03 -57.10 16.23
CA ASP A 316 2.36 -56.57 16.51
C ASP A 316 2.24 -55.16 17.09
N ILE A 317 1.01 -54.67 17.17
CA ILE A 317 0.74 -53.35 17.71
C ILE A 317 0.47 -53.48 19.20
N GLU A 318 1.15 -52.66 20.00
CA GLU A 318 0.96 -52.69 21.44
C GLU A 318 -0.12 -51.68 21.78
N VAL A 319 -1.37 -52.05 21.48
CA VAL A 319 -2.54 -51.22 21.74
C VAL A 319 -2.54 -50.66 23.15
N SER A 320 -2.52 -49.32 23.25
CA SER A 320 -2.48 -48.68 24.56
C SER A 320 -3.71 -47.88 24.95
N CYS A 321 -4.68 -47.77 24.06
CA CYS A 321 -5.91 -47.04 24.38
C CYS A 321 -6.97 -48.08 24.72
N PRO A 322 -7.24 -48.28 26.02
CA PRO A 322 -8.22 -49.24 26.56
C PRO A 322 -9.67 -49.02 26.17
N SER A 323 -10.01 -47.80 25.80
CA SER A 323 -11.39 -47.48 25.44
C SER A 323 -11.74 -47.62 23.96
N GLU A 324 -10.74 -47.63 23.08
CA GLU A 324 -11.01 -47.74 21.65
C GLU A 324 -10.20 -48.84 20.96
N PRO A 325 -10.87 -49.65 20.13
CA PRO A 325 -10.19 -50.74 19.41
C PRO A 325 -9.29 -50.12 18.34
N PHE A 326 -8.13 -50.73 18.10
CA PHE A 326 -7.22 -50.18 17.09
C PHE A 326 -7.97 -50.05 15.77
N PRO A 327 -7.81 -48.92 15.10
CA PRO A 327 -8.50 -48.70 13.82
C PRO A 327 -8.16 -49.71 12.73
N GLU A 328 -8.98 -49.70 11.68
CA GLU A 328 -8.79 -50.59 10.54
C GLU A 328 -7.65 -50.00 9.69
N ILE A 329 -6.52 -50.69 9.67
CA ILE A 329 -5.38 -50.23 8.89
C ILE A 329 -4.91 -51.35 7.97
N ALA A 330 -4.59 -51.00 6.74
CA ALA A 330 -4.12 -51.97 5.77
C ALA A 330 -2.75 -52.51 6.19
N THR A 331 -2.46 -53.71 5.73
CA THR A 331 -1.19 -54.36 6.03
C THR A 331 -0.49 -54.66 4.70
N ALA A 332 0.74 -55.20 4.78
CA ALA A 332 1.45 -55.47 3.53
C ALA A 332 2.13 -56.85 3.58
N SER A 333 2.55 -57.30 2.42
CA SER A 333 3.24 -58.59 2.28
C SER A 333 4.72 -58.32 2.35
N GLY A 334 5.46 -58.98 1.49
CA GLY A 334 6.92 -58.82 1.41
C GLY A 334 7.55 -58.98 2.80
N PRO A 335 8.91 -58.95 2.90
CA PRO A 335 9.62 -59.08 4.16
C PRO A 335 9.47 -57.83 5.03
N LEU A 336 10.33 -57.73 6.07
CA LEU A 336 10.44 -56.54 6.91
C LEU A 336 11.34 -55.58 6.14
N PRO A 337 10.88 -54.32 5.94
CA PRO A 337 11.68 -53.34 5.20
C PRO A 337 12.91 -52.80 5.92
N SER A 338 13.95 -52.50 5.16
CA SER A 338 15.17 -51.93 5.71
C SER A 338 15.12 -50.45 5.39
N LEU A 339 15.10 -49.61 6.42
CA LEU A 339 15.02 -48.17 6.20
C LEU A 339 16.37 -47.55 5.90
N ALA A 340 16.43 -46.79 4.82
CA ALA A 340 17.66 -46.11 4.43
C ALA A 340 17.69 -44.78 5.17
N PRO A 341 18.89 -44.23 5.42
CA PRO A 341 18.95 -42.96 6.11
C PRO A 341 18.17 -41.87 5.39
N ALA A 342 17.58 -40.95 6.15
CA ALA A 342 16.82 -39.86 5.55
C ALA A 342 17.77 -39.00 4.72
N PRO A 343 17.32 -38.54 3.54
CA PRO A 343 18.13 -37.70 2.65
C PRO A 343 18.57 -36.38 3.27
N GLY B 6 -24.44 57.50 -23.32
CA GLY B 6 -24.64 58.35 -24.54
C GLY B 6 -24.91 57.54 -25.79
N GLY B 7 -24.39 56.31 -25.84
CA GLY B 7 -24.59 55.47 -26.99
C GLY B 7 -23.30 54.84 -27.50
N SER B 8 -23.43 53.91 -28.45
CA SER B 8 -22.27 53.23 -29.02
C SER B 8 -21.41 54.20 -29.82
N VAL B 9 -20.10 53.98 -29.79
CA VAL B 9 -19.17 54.83 -30.52
C VAL B 9 -18.27 53.99 -31.42
N THR B 10 -17.57 54.66 -32.33
CA THR B 10 -16.67 54.00 -33.25
C THR B 10 -15.25 54.45 -32.94
N CYS B 11 -14.35 53.49 -32.75
CA CYS B 11 -12.95 53.84 -32.46
C CYS B 11 -12.24 54.15 -33.75
N PRO B 12 -11.07 54.82 -33.66
CA PRO B 12 -10.28 55.19 -34.83
C PRO B 12 -10.03 54.03 -35.78
N GLY B 13 -10.10 52.81 -35.26
CA GLY B 13 -9.88 51.63 -36.07
C GLY B 13 -11.10 51.16 -36.83
N GLY B 14 -12.28 51.67 -36.45
CA GLY B 14 -13.50 51.27 -37.14
C GLY B 14 -14.34 50.29 -36.35
N GLN B 15 -13.78 49.73 -35.27
CA GLN B 15 -14.52 48.80 -34.44
C GLN B 15 -15.59 49.57 -33.67
N SER B 16 -16.66 48.89 -33.33
CA SER B 16 -17.74 49.51 -32.57
C SER B 16 -17.62 49.13 -31.10
N THR B 17 -17.73 50.12 -30.22
CA THR B 17 -17.63 49.86 -28.80
C THR B 17 -18.66 50.67 -28.01
N SER B 18 -18.84 50.30 -26.74
CA SER B 18 -19.81 50.95 -25.88
C SER B 18 -19.37 52.28 -25.27
N ASN B 19 -18.08 52.42 -25.01
CA ASN B 19 -17.56 53.66 -24.42
C ASN B 19 -16.21 54.00 -25.01
N SER B 20 -15.94 55.29 -25.18
CA SER B 20 -14.66 55.73 -25.73
C SER B 20 -13.47 55.21 -24.93
N GLN B 21 -13.67 54.96 -23.64
CA GLN B 21 -12.58 54.47 -22.80
C GLN B 21 -12.15 53.05 -23.21
N CYS B 22 -12.97 52.40 -24.03
CA CYS B 22 -12.66 51.04 -24.47
C CYS B 22 -11.73 51.00 -25.68
N CYS B 23 -11.62 52.11 -26.40
CA CYS B 23 -10.78 52.16 -27.60
C CYS B 23 -9.31 51.81 -27.42
N VAL B 24 -8.72 52.20 -26.30
CA VAL B 24 -7.32 51.89 -26.05
C VAL B 24 -7.06 50.40 -25.96
N TRP B 25 -8.03 49.66 -25.44
CA TRP B 25 -7.87 48.22 -25.30
C TRP B 25 -7.82 47.44 -26.61
N PHE B 26 -8.25 48.06 -27.70
CA PHE B 26 -8.19 47.39 -29.00
C PHE B 26 -6.74 47.29 -29.42
N ASP B 27 -5.94 48.28 -29.04
CA ASP B 27 -4.53 48.30 -29.37
C ASP B 27 -3.83 47.28 -28.49
N VAL B 28 -4.24 47.20 -27.22
CA VAL B 28 -3.65 46.24 -26.31
C VAL B 28 -3.98 44.83 -26.81
N LEU B 29 -5.22 44.66 -27.28
CA LEU B 29 -5.66 43.38 -27.81
C LEU B 29 -4.76 42.89 -28.94
N ASP B 30 -4.48 43.79 -29.89
N ASP B 30 -4.48 43.78 -29.90
CA ASP B 30 -3.64 43.46 -31.04
CA ASP B 30 -3.64 43.43 -31.03
C ASP B 30 -2.24 43.06 -30.58
C ASP B 30 -2.24 43.04 -30.57
N ASP B 31 -1.67 43.85 -29.68
CA ASP B 31 -0.33 43.60 -29.16
C ASP B 31 -0.28 42.22 -28.49
N LEU B 32 -1.16 41.99 -27.52
CA LEU B 32 -1.20 40.71 -26.81
C LEU B 32 -1.39 39.50 -27.71
N GLN B 33 -2.33 39.59 -28.65
CA GLN B 33 -2.62 38.48 -29.56
C GLN B 33 -1.46 38.19 -30.51
N THR B 34 -0.75 39.23 -30.90
CA THR B 34 0.37 39.07 -31.82
C THR B 34 1.64 38.61 -31.13
N ASN B 35 1.99 39.28 -30.04
CA ASN B 35 3.22 38.98 -29.33
C ASN B 35 3.12 38.02 -28.15
N PHE B 36 2.45 38.47 -27.08
CA PHE B 36 2.30 37.65 -25.89
C PHE B 36 1.73 36.25 -26.17
N TYR B 37 0.65 36.19 -26.92
CA TYR B 37 0.01 34.91 -27.24
C TYR B 37 0.49 34.28 -28.54
N GLN B 38 1.59 34.80 -29.06
CA GLN B 38 2.21 34.27 -30.27
C GLN B 38 1.23 33.92 -31.37
N GLY B 39 0.38 34.88 -31.73
CA GLY B 39 -0.60 34.63 -32.78
C GLY B 39 -1.89 34.02 -32.29
N SER B 40 -2.48 34.63 -31.27
CA SER B 40 -3.75 34.17 -30.70
C SER B 40 -3.78 32.68 -30.32
N LYS B 41 -2.68 32.18 -29.76
CA LYS B 41 -2.61 30.77 -29.35
C LYS B 41 -3.11 30.56 -27.93
N CYS B 42 -3.46 29.31 -27.61
CA CYS B 42 -3.91 28.94 -26.27
C CYS B 42 -2.88 28.01 -25.65
N GLU B 43 -1.73 28.56 -25.28
CA GLU B 43 -0.67 27.77 -24.69
C GLU B 43 -0.26 28.28 -23.31
N SER B 44 0.98 28.03 -22.91
CA SER B 44 1.44 28.45 -21.58
C SER B 44 1.09 29.89 -21.18
N PRO B 45 1.31 30.87 -22.08
CA PRO B 45 0.98 32.25 -21.70
C PRO B 45 -0.47 32.41 -21.20
N VAL B 46 -1.40 31.68 -21.79
CA VAL B 46 -2.79 31.79 -21.36
C VAL B 46 -2.95 31.30 -19.92
N ARG B 47 -2.36 30.15 -19.64
CA ARG B 47 -2.45 29.54 -18.33
C ARG B 47 -1.75 30.41 -17.27
N LYS B 48 -0.61 30.97 -17.63
CA LYS B 48 0.13 31.83 -16.71
C LYS B 48 -0.70 33.08 -16.42
N SER B 49 -1.31 33.65 -17.47
CA SER B 49 -2.14 34.84 -17.35
C SER B 49 -3.30 34.60 -16.38
N LEU B 50 -4.01 33.48 -16.56
CA LEU B 50 -5.15 33.15 -15.70
C LEU B 50 -4.71 32.99 -14.24
N ARG B 51 -3.60 32.28 -14.06
CA ARG B 51 -3.07 32.06 -12.73
C ARG B 51 -2.74 33.40 -12.07
N ILE B 52 -2.10 34.29 -12.84
CA ILE B 52 -1.73 35.61 -12.36
C ILE B 52 -2.95 36.47 -12.02
N ALA B 53 -4.03 36.30 -12.78
CA ALA B 53 -5.25 37.07 -12.55
C ALA B 53 -5.81 36.73 -11.17
N PHE B 54 -5.76 35.44 -10.84
CA PHE B 54 -6.23 34.96 -9.54
C PHE B 54 -5.32 35.45 -8.40
N HIS B 55 -4.01 35.22 -8.55
CA HIS B 55 -3.07 35.59 -7.50
C HIS B 55 -2.96 37.08 -7.21
N ASP B 56 -3.37 37.91 -8.14
CA ASP B 56 -3.32 39.35 -7.90
C ASP B 56 -4.58 39.74 -7.14
N ALA B 57 -5.72 39.24 -7.60
CA ALA B 57 -7.00 39.55 -6.98
C ALA B 57 -7.22 38.99 -5.57
N ILE B 58 -6.84 37.74 -5.36
CA ILE B 58 -7.04 37.09 -4.06
C ILE B 58 -6.30 37.76 -2.90
N GLY B 59 -5.36 38.66 -3.22
CA GLY B 59 -4.66 39.37 -2.16
C GLY B 59 -5.59 40.43 -1.61
N PHE B 60 -6.68 39.97 -0.99
CA PHE B 60 -7.71 40.84 -0.44
C PHE B 60 -8.32 40.15 0.79
N SER B 61 -8.21 40.74 1.96
CA SER B 61 -8.74 40.11 3.16
C SER B 61 -9.45 41.02 4.18
N PRO B 62 -10.79 40.96 4.22
CA PRO B 62 -11.52 41.80 5.17
C PRO B 62 -11.11 41.43 6.60
N ALA B 63 -10.70 40.19 6.79
CA ALA B 63 -10.25 39.70 8.09
C ALA B 63 -9.12 40.57 8.65
N LEU B 64 -8.10 40.81 7.83
CA LEU B 64 -6.98 41.63 8.26
C LEU B 64 -7.48 43.04 8.56
N THR B 65 -8.31 43.57 7.68
CA THR B 65 -8.88 44.90 7.85
C THR B 65 -9.56 44.99 9.21
N ALA B 66 -10.40 44.00 9.52
CA ALA B 66 -11.11 43.96 10.79
C ALA B 66 -10.14 43.87 11.95
N ALA B 67 -8.98 43.27 11.72
CA ALA B 67 -7.97 43.12 12.76
C ALA B 67 -7.08 44.36 12.85
N GLY B 68 -7.50 45.42 12.16
CA GLY B 68 -6.74 46.66 12.18
C GLY B 68 -5.49 46.69 11.30
N GLN B 69 -5.45 45.85 10.28
CA GLN B 69 -4.30 45.80 9.38
C GLN B 69 -4.72 45.97 7.93
N PHE B 70 -3.76 46.32 7.07
CA PHE B 70 -4.03 46.46 5.64
C PHE B 70 -4.33 45.05 5.13
N GLY B 71 -5.48 44.87 4.48
CA GLY B 71 -5.82 43.54 3.99
C GLY B 71 -5.54 43.27 2.52
N GLY B 72 -4.92 44.22 1.83
CA GLY B 72 -4.63 44.03 0.42
C GLY B 72 -5.60 44.79 -0.46
N GLY B 73 -5.16 45.20 -1.64
CA GLY B 73 -6.03 45.96 -2.54
C GLY B 73 -6.77 45.15 -3.61
N GLY B 74 -6.67 43.82 -3.55
CA GLY B 74 -7.35 43.00 -4.54
C GLY B 74 -6.72 43.02 -5.92
N ALA B 75 -7.56 43.13 -6.95
CA ALA B 75 -7.07 43.14 -8.33
C ALA B 75 -6.48 44.50 -8.69
N ASP B 76 -5.49 44.93 -7.90
CA ASP B 76 -4.84 46.22 -8.08
C ASP B 76 -3.50 46.19 -8.83
N GLY B 77 -3.13 45.03 -9.37
CA GLY B 77 -1.87 44.94 -10.09
C GLY B 77 -0.64 44.92 -9.19
N SER B 78 -0.86 44.74 -7.89
CA SER B 78 0.24 44.70 -6.93
C SER B 78 1.26 43.60 -7.23
N ILE B 79 0.80 42.50 -7.82
CA ILE B 79 1.69 41.39 -8.13
C ILE B 79 2.75 41.81 -9.15
N ILE B 80 2.44 42.87 -9.90
CA ILE B 80 3.38 43.39 -10.89
C ILE B 80 4.14 44.60 -10.33
N ALA B 81 3.40 45.60 -9.84
CA ALA B 81 4.01 46.81 -9.29
C ALA B 81 4.90 46.51 -8.09
N HIS B 82 4.58 45.43 -7.38
CA HIS B 82 5.35 45.02 -6.22
C HIS B 82 5.76 43.55 -6.36
N SER B 83 6.21 43.18 -7.55
CA SER B 83 6.64 41.81 -7.85
C SER B 83 7.86 41.39 -7.06
N ASN B 84 8.74 42.33 -6.74
CA ASN B 84 9.94 42.02 -5.98
C ASN B 84 9.54 41.32 -4.68
N ILE B 85 8.46 41.79 -4.09
CA ILE B 85 7.96 41.25 -2.83
C ILE B 85 7.00 40.07 -3.03
N GLU B 86 5.95 40.28 -3.83
CA GLU B 86 4.95 39.23 -4.06
C GLU B 86 5.44 37.98 -4.77
N LEU B 87 6.36 38.12 -5.71
CA LEU B 87 6.87 36.95 -6.41
C LEU B 87 7.73 36.09 -5.50
N ALA B 88 7.94 36.58 -4.28
CA ALA B 88 8.72 35.85 -3.28
C ALA B 88 7.79 34.90 -2.53
N PHE B 89 6.48 35.10 -2.68
CA PHE B 89 5.51 34.24 -2.01
C PHE B 89 5.62 32.81 -2.59
N PRO B 90 5.41 31.80 -1.73
CA PRO B 90 5.49 30.39 -2.16
C PRO B 90 4.63 30.05 -3.38
N ALA B 91 3.38 30.51 -3.38
CA ALA B 91 2.44 30.23 -4.46
C ALA B 91 2.65 31.03 -5.73
N ASN B 92 3.62 31.95 -5.73
CA ASN B 92 3.84 32.77 -6.92
C ASN B 92 5.08 32.44 -7.76
N GLY B 93 5.57 31.21 -7.65
CA GLY B 93 6.72 30.83 -8.44
C GLY B 93 6.32 30.54 -9.88
N GLY B 94 7.29 30.66 -10.78
CA GLY B 94 7.03 30.41 -12.19
C GLY B 94 6.21 31.48 -12.90
N LEU B 95 6.09 32.64 -12.28
CA LEU B 95 5.31 33.73 -12.87
C LEU B 95 6.14 34.93 -13.33
N THR B 96 7.36 35.04 -12.82
CA THR B 96 8.26 36.15 -13.15
C THR B 96 8.36 36.53 -14.62
N ASP B 97 8.65 35.56 -15.49
CA ASP B 97 8.78 35.85 -16.92
C ASP B 97 7.49 36.41 -17.50
N THR B 98 6.36 35.92 -17.02
CA THR B 98 5.06 36.39 -17.50
C THR B 98 4.79 37.78 -16.94
N VAL B 99 5.19 38.01 -15.70
CA VAL B 99 5.00 39.30 -15.06
C VAL B 99 5.77 40.39 -15.80
N GLU B 100 7.02 40.09 -16.16
CA GLU B 100 7.84 41.06 -16.87
C GLU B 100 7.24 41.44 -18.23
N ALA B 101 6.70 40.45 -18.94
CA ALA B 101 6.10 40.71 -20.24
C ALA B 101 4.87 41.61 -20.08
N LEU B 102 4.04 41.34 -19.07
CA LEU B 102 2.85 42.14 -18.85
C LEU B 102 3.22 43.56 -18.41
N ARG B 103 4.26 43.67 -17.59
CA ARG B 103 4.71 44.98 -17.11
C ARG B 103 5.00 45.88 -18.31
N ALA B 104 5.77 45.37 -19.27
CA ALA B 104 6.13 46.13 -20.47
C ALA B 104 4.92 46.52 -21.32
N VAL B 105 3.98 45.60 -21.47
CA VAL B 105 2.78 45.89 -22.25
C VAL B 105 1.99 47.02 -21.58
N GLY B 106 1.89 46.96 -20.25
CA GLY B 106 1.15 47.98 -19.53
C GLY B 106 1.77 49.35 -19.68
N ILE B 107 3.08 49.42 -19.55
CA ILE B 107 3.83 50.66 -19.67
C ILE B 107 3.74 51.29 -21.07
N ASN B 108 3.89 50.48 -22.11
N ASN B 108 3.90 50.49 -22.11
CA ASN B 108 3.84 50.95 -23.48
CA ASN B 108 3.84 51.00 -23.48
C ASN B 108 2.47 51.49 -23.88
C ASN B 108 2.46 51.51 -23.86
N HIS B 109 1.43 50.88 -23.32
CA HIS B 109 0.05 51.27 -23.63
C HIS B 109 -0.57 52.27 -22.66
N GLY B 110 0.07 52.46 -21.51
CA GLY B 110 -0.44 53.40 -20.54
C GLY B 110 -1.71 52.95 -19.83
N VAL B 111 -1.85 51.64 -19.62
CA VAL B 111 -3.02 51.12 -18.93
C VAL B 111 -2.58 50.60 -17.55
N SER B 112 -3.49 50.61 -16.58
CA SER B 112 -3.12 50.17 -15.24
C SER B 112 -2.84 48.67 -15.20
N PHE B 113 -1.95 48.26 -14.30
CA PHE B 113 -1.60 46.86 -14.17
C PHE B 113 -2.82 46.03 -13.79
N GLY B 114 -3.64 46.55 -12.88
CA GLY B 114 -4.83 45.84 -12.47
C GLY B 114 -5.73 45.52 -13.66
N ASP B 115 -6.02 46.54 -14.47
CA ASP B 115 -6.85 46.37 -15.65
C ASP B 115 -6.21 45.38 -16.62
N LEU B 116 -4.91 45.56 -16.87
CA LEU B 116 -4.20 44.71 -17.82
C LEU B 116 -4.25 43.23 -17.44
N ILE B 117 -3.94 42.93 -16.18
CA ILE B 117 -3.94 41.55 -15.72
C ILE B 117 -5.27 40.86 -16.00
N GLN B 118 -6.38 41.54 -15.69
CA GLN B 118 -7.69 40.95 -15.93
C GLN B 118 -8.00 40.87 -17.43
N PHE B 119 -7.54 41.84 -18.19
CA PHE B 119 -7.76 41.88 -19.63
C PHE B 119 -7.02 40.73 -20.32
N ALA B 120 -5.76 40.54 -19.93
CA ALA B 120 -4.95 39.48 -20.51
C ALA B 120 -5.60 38.11 -20.31
N ALA B 121 -6.13 37.87 -19.13
CA ALA B 121 -6.78 36.61 -18.82
C ALA B 121 -8.00 36.37 -19.71
N ALA B 122 -8.84 37.39 -19.85
CA ALA B 122 -10.04 37.29 -20.68
C ALA B 122 -9.67 37.07 -22.14
N VAL B 123 -8.67 37.81 -22.61
CA VAL B 123 -8.22 37.68 -24.00
C VAL B 123 -7.59 36.31 -24.19
N GLY B 124 -6.83 35.87 -23.19
CA GLY B 124 -6.19 34.57 -23.26
C GLY B 124 -7.21 33.46 -23.39
N MET B 125 -8.25 33.50 -22.57
CA MET B 125 -9.28 32.47 -22.61
C MET B 125 -10.02 32.44 -23.94
N SER B 126 -10.14 33.60 -24.60
CA SER B 126 -10.82 33.66 -25.88
C SER B 126 -10.06 32.89 -26.96
N ASN B 127 -8.82 32.53 -26.66
CA ASN B 127 -7.98 31.76 -27.60
C ASN B 127 -8.17 30.26 -27.40
N CYS B 128 -8.86 29.88 -26.32
CA CYS B 128 -9.07 28.48 -26.01
C CYS B 128 -10.50 28.05 -26.31
N PRO B 129 -10.67 27.04 -27.19
CA PRO B 129 -12.00 26.54 -27.56
C PRO B 129 -12.91 26.19 -26.39
N GLY B 130 -14.17 26.60 -26.48
CA GLY B 130 -15.14 26.30 -25.44
C GLY B 130 -15.22 27.30 -24.30
N SER B 131 -14.28 28.24 -24.26
N SER B 131 -14.29 28.24 -24.26
CA SER B 131 -14.26 29.25 -23.21
CA SER B 131 -14.27 29.25 -23.22
C SER B 131 -15.41 30.25 -23.33
C SER B 131 -15.42 30.25 -23.33
N PRO B 132 -15.92 30.74 -22.19
CA PRO B 132 -17.01 31.72 -22.17
C PRO B 132 -16.39 33.09 -22.40
N ARG B 133 -17.21 34.08 -22.72
CA ARG B 133 -16.70 35.43 -22.94
C ARG B 133 -16.74 36.17 -21.61
N LEU B 134 -15.58 36.25 -20.95
CA LEU B 134 -15.48 36.90 -19.65
C LEU B 134 -15.75 38.40 -19.69
N GLU B 135 -16.40 38.89 -18.64
CA GLU B 135 -16.68 40.31 -18.52
C GLU B 135 -15.36 41.03 -18.31
N PHE B 136 -15.24 42.23 -18.86
CA PHE B 136 -14.03 43.03 -18.68
C PHE B 136 -14.40 44.46 -18.36
N LEU B 137 -13.99 44.93 -17.19
CA LEU B 137 -14.24 46.31 -16.76
C LEU B 137 -12.90 47.06 -16.72
N THR B 138 -12.91 48.34 -17.04
CA THR B 138 -11.68 49.13 -17.02
C THR B 138 -11.82 50.30 -16.04
N GLY B 139 -10.70 50.81 -15.56
CA GLY B 139 -10.78 51.93 -14.64
C GLY B 139 -10.12 51.72 -13.29
N ARG B 140 -9.51 50.57 -13.07
CA ARG B 140 -8.85 50.30 -11.79
C ARG B 140 -7.63 51.20 -11.66
N SER B 141 -7.45 51.79 -10.48
CA SER B 141 -6.29 52.65 -10.25
C SER B 141 -5.00 51.88 -10.42
N ASN B 142 -3.97 52.55 -10.91
CA ASN B 142 -2.67 51.92 -11.14
C ASN B 142 -1.84 51.90 -9.85
N SER B 143 -2.30 52.64 -8.84
CA SER B 143 -1.59 52.70 -7.56
C SER B 143 -1.93 51.50 -6.69
N SER B 144 -0.95 51.04 -5.93
CA SER B 144 -1.16 49.90 -5.05
C SER B 144 -0.06 49.72 -4.01
N GLN B 145 -0.39 48.95 -2.97
CA GLN B 145 0.54 48.62 -1.91
C GLN B 145 0.76 47.12 -2.03
N PRO B 146 1.93 46.62 -1.62
CA PRO B 146 2.15 45.17 -1.73
C PRO B 146 1.12 44.36 -0.95
N SER B 147 0.70 43.25 -1.53
CA SER B 147 -0.28 42.39 -0.88
C SER B 147 0.30 41.75 0.37
N PRO B 148 -0.52 41.58 1.41
CA PRO B 148 -0.02 40.96 2.64
C PRO B 148 0.33 39.52 2.28
N PRO B 149 1.23 38.88 3.05
CA PRO B 149 1.58 37.50 2.74
C PRO B 149 0.51 36.52 3.21
N SER B 150 0.64 35.26 2.80
CA SER B 150 -0.29 34.19 3.19
C SER B 150 -1.77 34.34 2.85
N LEU B 151 -2.09 34.99 1.73
CA LEU B 151 -3.49 35.15 1.36
C LEU B 151 -3.89 34.27 0.16
N ILE B 152 -2.93 33.51 -0.34
CA ILE B 152 -3.16 32.64 -1.48
C ILE B 152 -3.34 31.19 -1.05
N PRO B 153 -4.48 30.57 -1.41
CA PRO B 153 -4.72 29.17 -1.04
C PRO B 153 -3.66 28.25 -1.65
N GLY B 154 -3.10 27.37 -0.83
CA GLY B 154 -2.07 26.44 -1.31
C GLY B 154 -2.61 25.05 -1.57
N PRO B 155 -1.96 24.29 -2.47
CA PRO B 155 -2.38 22.93 -2.82
C PRO B 155 -2.33 21.92 -1.67
N GLY B 156 -1.64 22.28 -0.61
CA GLY B 156 -1.54 21.38 0.54
C GLY B 156 -2.49 21.75 1.66
N ASN B 157 -3.32 22.76 1.43
CA ASN B 157 -4.28 23.20 2.45
C ASN B 157 -5.46 22.25 2.54
N THR B 158 -6.08 22.21 3.71
CA THR B 158 -7.25 21.36 3.88
C THR B 158 -8.43 22.09 3.26
N VAL B 159 -9.52 21.38 3.01
CA VAL B 159 -10.70 22.04 2.42
C VAL B 159 -11.20 23.14 3.36
N THR B 160 -11.06 22.90 4.66
CA THR B 160 -11.51 23.87 5.66
C THR B 160 -10.73 25.18 5.53
N ALA B 161 -9.42 25.08 5.36
CA ALA B 161 -8.60 26.28 5.21
C ALA B 161 -8.93 26.99 3.90
N ILE B 162 -9.02 26.22 2.83
CA ILE B 162 -9.33 26.78 1.52
C ILE B 162 -10.67 27.53 1.53
N LEU B 163 -11.69 26.90 2.12
CA LEU B 163 -13.00 27.51 2.19
C LEU B 163 -13.01 28.76 3.06
N ASP B 164 -12.21 28.75 4.12
CA ASP B 164 -12.12 29.90 5.01
C ASP B 164 -11.45 31.09 4.32
N ARG B 165 -10.39 30.83 3.56
CA ARG B 165 -9.68 31.90 2.86
C ARG B 165 -10.60 32.56 1.84
N PHE B 166 -11.22 31.74 0.99
CA PHE B 166 -12.15 32.23 -0.03
C PHE B 166 -13.37 32.87 0.64
N GLY B 167 -13.84 32.28 1.73
CA GLY B 167 -14.99 32.82 2.43
C GLY B 167 -14.67 34.25 2.85
N ASP B 168 -13.46 34.45 3.34
CA ASP B 168 -12.99 35.74 3.79
C ASP B 168 -12.97 36.71 2.61
N ALA B 169 -12.52 36.22 1.47
CA ALA B 169 -12.43 37.03 0.26
C ALA B 169 -13.81 37.38 -0.29
N GLY B 170 -14.82 36.60 0.12
CA GLY B 170 -16.18 36.88 -0.32
C GLY B 170 -16.84 35.82 -1.17
N PHE B 171 -16.27 34.62 -1.22
CA PHE B 171 -16.83 33.55 -2.05
C PHE B 171 -17.39 32.41 -1.23
N SER B 172 -18.49 31.83 -1.71
CA SER B 172 -19.13 30.70 -1.05
C SER B 172 -18.47 29.43 -1.59
N PRO B 173 -18.69 28.28 -0.91
CA PRO B 173 -18.09 27.03 -1.37
C PRO B 173 -18.46 26.72 -2.82
N ASP B 174 -19.71 26.99 -3.18
CA ASP B 174 -20.17 26.77 -4.54
C ASP B 174 -19.33 27.58 -5.52
N GLU B 175 -19.01 28.82 -5.14
CA GLU B 175 -18.22 29.68 -6.01
C GLU B 175 -16.76 29.26 -6.08
N VAL B 176 -16.27 28.60 -5.03
CA VAL B 176 -14.90 28.13 -5.04
C VAL B 176 -14.80 27.01 -6.08
N VAL B 177 -15.81 26.16 -6.13
CA VAL B 177 -15.84 25.07 -7.09
C VAL B 177 -15.96 25.62 -8.50
N ASP B 178 -16.80 26.65 -8.67
CA ASP B 178 -16.97 27.27 -9.98
C ASP B 178 -15.66 27.89 -10.46
N LEU B 179 -14.95 28.54 -9.54
CA LEU B 179 -13.68 29.20 -9.86
C LEU B 179 -12.63 28.21 -10.36
N LEU B 180 -12.63 27.01 -9.78
CA LEU B 180 -11.67 25.98 -10.16
C LEU B 180 -11.86 25.42 -11.58
N ALA B 181 -12.83 25.95 -12.31
CA ALA B 181 -13.05 25.48 -13.67
C ALA B 181 -11.83 25.89 -14.51
N ALA B 182 -11.09 26.86 -14.00
CA ALA B 182 -9.89 27.33 -14.70
C ALA B 182 -8.89 26.18 -14.85
N HIS B 183 -8.96 25.20 -13.96
CA HIS B 183 -8.03 24.06 -14.03
C HIS B 183 -8.31 23.14 -15.21
N SER B 184 -9.30 23.49 -16.02
CA SER B 184 -9.62 22.70 -17.19
C SER B 184 -8.65 23.13 -18.30
N LEU B 185 -7.90 24.20 -18.01
CA LEU B 185 -6.89 24.74 -18.94
C LEU B 185 -5.61 24.91 -18.13
N ALA B 186 -5.23 23.88 -17.38
CA ALA B 186 -4.06 23.96 -16.53
C ALA B 186 -3.04 22.83 -16.64
N SER B 187 -1.87 23.08 -16.08
CA SER B 187 -0.78 22.12 -16.03
C SER B 187 0.04 22.61 -14.84
N GLN B 188 1.10 21.89 -14.50
CA GLN B 188 1.95 22.32 -13.39
C GLN B 188 3.40 22.25 -13.81
N GLU B 189 4.21 23.18 -13.31
CA GLU B 189 5.63 23.23 -13.62
C GLU B 189 6.45 23.21 -12.34
N GLY B 190 5.90 23.78 -11.28
CA GLY B 190 6.62 23.84 -10.02
C GLY B 190 6.36 22.78 -8.96
N LEU B 191 5.39 21.91 -9.18
CA LEU B 191 5.09 20.88 -8.20
C LEU B 191 5.96 19.63 -8.38
N ASN B 192 6.20 19.29 -9.64
CA ASN B 192 7.01 18.13 -9.98
C ASN B 192 7.76 18.49 -11.26
N SER B 193 8.88 19.17 -11.10
CA SER B 193 9.68 19.61 -12.25
C SER B 193 10.13 18.47 -13.15
N ALA B 194 10.02 17.24 -12.68
CA ALA B 194 10.42 16.06 -13.46
C ALA B 194 9.45 15.80 -14.60
N ILE B 195 8.22 16.29 -14.47
CA ILE B 195 7.20 16.13 -15.49
C ILE B 195 6.61 17.49 -15.83
N PHE B 196 7.45 18.34 -16.39
CA PHE B 196 7.12 19.69 -16.79
C PHE B 196 5.84 19.77 -17.64
N ARG B 197 4.94 20.64 -17.22
CA ARG B 197 3.65 20.87 -17.88
C ARG B 197 2.70 19.69 -17.99
N SER B 198 2.77 18.79 -17.01
CA SER B 198 1.85 17.66 -16.99
C SER B 198 0.47 18.30 -16.76
N PRO B 199 -0.50 18.02 -17.65
CA PRO B 199 -1.86 18.58 -17.55
C PRO B 199 -2.74 18.12 -16.38
N LEU B 200 -3.70 18.96 -16.01
CA LEU B 200 -4.63 18.66 -14.92
C LEU B 200 -5.81 17.85 -15.43
N ASP B 201 -6.08 17.96 -16.73
CA ASP B 201 -7.17 17.19 -17.35
C ASP B 201 -6.73 16.79 -18.75
N SER B 202 -7.45 15.88 -19.38
CA SER B 202 -7.07 15.40 -20.71
C SER B 202 -7.20 16.43 -21.84
N THR B 203 -7.68 17.63 -21.53
CA THR B 203 -7.85 18.66 -22.54
C THR B 203 -7.37 20.02 -22.05
N PRO B 204 -6.04 20.21 -21.93
CA PRO B 204 -5.41 21.45 -21.46
C PRO B 204 -5.69 22.68 -22.31
N GLN B 205 -6.21 22.47 -23.53
CA GLN B 205 -6.50 23.58 -24.44
C GLN B 205 -8.00 23.71 -24.72
N VAL B 206 -8.83 23.01 -23.96
CA VAL B 206 -10.26 23.07 -24.14
C VAL B 206 -10.95 23.36 -22.81
N PHE B 207 -11.65 24.49 -22.73
CA PHE B 207 -12.36 24.85 -21.51
C PHE B 207 -13.59 23.97 -21.45
N ASP B 208 -13.48 22.84 -20.76
CA ASP B 208 -14.59 21.90 -20.66
C ASP B 208 -14.72 21.29 -19.26
N THR B 209 -15.69 20.39 -19.12
CA THR B 209 -15.95 19.74 -17.85
C THR B 209 -15.05 18.55 -17.56
N GLN B 210 -14.16 18.21 -18.49
CA GLN B 210 -13.28 17.07 -18.29
C GLN B 210 -12.52 17.12 -16.98
N PHE B 211 -12.08 18.31 -16.58
CA PHE B 211 -11.35 18.46 -15.33
C PHE B 211 -12.17 17.95 -14.14
N TYR B 212 -13.44 18.35 -14.09
CA TYR B 212 -14.31 17.92 -13.00
C TYR B 212 -14.54 16.41 -12.99
N ILE B 213 -14.73 15.83 -14.17
CA ILE B 213 -14.97 14.40 -14.29
C ILE B 213 -13.76 13.57 -13.89
N GLU B 214 -12.63 13.85 -14.53
CA GLU B 214 -11.40 13.12 -14.29
C GLU B 214 -10.83 13.23 -12.88
N THR B 215 -11.09 14.34 -12.21
CA THR B 215 -10.59 14.50 -10.84
C THR B 215 -11.32 13.55 -9.90
N LEU B 216 -12.53 13.15 -10.28
CA LEU B 216 -13.34 12.23 -9.48
C LEU B 216 -13.01 10.76 -9.72
N LEU B 217 -12.26 10.49 -10.78
CA LEU B 217 -11.87 9.11 -11.08
C LEU B 217 -10.89 8.63 -10.02
N LYS B 218 -10.80 7.33 -9.85
CA LYS B 218 -9.89 6.76 -8.87
C LYS B 218 -8.46 6.94 -9.34
N GLY B 219 -7.61 7.47 -8.47
CA GLY B 219 -6.22 7.65 -8.84
C GLY B 219 -5.57 6.29 -8.90
N THR B 220 -4.91 5.97 -10.01
CA THR B 220 -4.28 4.67 -10.18
C THR B 220 -2.79 4.69 -10.52
N THR B 221 -2.34 5.74 -11.21
CA THR B 221 -0.94 5.81 -11.60
C THR B 221 -0.19 7.04 -11.14
N GLN B 222 1.14 6.95 -11.23
CA GLN B 222 2.05 8.02 -10.86
C GLN B 222 2.68 8.50 -12.17
N PRO B 223 2.41 9.77 -12.56
CA PRO B 223 2.95 10.33 -13.80
C PRO B 223 4.47 10.45 -13.94
N GLY B 224 5.15 10.79 -12.85
CA GLY B 224 6.60 10.93 -12.93
C GLY B 224 7.37 9.92 -12.09
N PRO B 225 8.71 10.02 -12.07
CA PRO B 225 9.60 9.13 -11.31
C PRO B 225 9.31 9.16 -9.81
N SER B 226 8.87 10.32 -9.31
CA SER B 226 8.55 10.48 -7.90
C SER B 226 7.28 11.32 -7.77
N LEU B 227 6.77 11.41 -6.54
CA LEU B 227 5.58 12.22 -6.29
C LEU B 227 6.04 13.61 -5.88
N GLY B 228 5.53 14.63 -6.57
CA GLY B 228 5.91 16.00 -6.26
C GLY B 228 5.18 16.56 -5.06
N PHE B 229 5.33 17.86 -4.83
CA PHE B 229 4.65 18.50 -3.71
C PHE B 229 3.15 18.53 -3.96
N ALA B 230 2.38 18.15 -2.94
CA ALA B 230 0.93 18.14 -3.02
C ALA B 230 0.39 17.37 -4.24
N GLU B 231 1.08 16.30 -4.61
CA GLU B 231 0.65 15.49 -5.75
C GLU B 231 -0.03 14.21 -5.27
N GLU B 232 -1.04 13.78 -6.03
CA GLU B 232 -1.78 12.57 -5.71
C GLU B 232 -1.82 11.70 -6.96
N LEU B 233 -2.08 10.40 -6.81
CA LEU B 233 -2.15 9.52 -7.97
C LEU B 233 -3.24 9.99 -8.91
N SER B 234 -3.00 9.85 -10.22
CA SER B 234 -3.96 10.26 -11.23
C SER B 234 -4.47 9.04 -12.00
N PRO B 235 -5.54 9.22 -12.79
CA PRO B 235 -6.10 8.12 -13.57
C PRO B 235 -5.41 7.78 -14.89
N PHE B 236 -4.62 8.72 -15.42
CA PHE B 236 -3.94 8.48 -16.70
C PHE B 236 -2.46 8.79 -16.66
N PRO B 237 -1.66 8.07 -17.46
CA PRO B 237 -0.21 8.31 -17.50
C PRO B 237 -0.04 9.71 -18.08
N GLY B 238 0.87 10.49 -17.49
CA GLY B 238 1.10 11.83 -17.98
C GLY B 238 0.21 12.86 -17.31
N GLY B 239 -0.88 12.40 -16.70
CA GLY B 239 -1.79 13.29 -16.03
C GLY B 239 -1.36 13.59 -14.61
N PHE B 240 -1.65 14.80 -14.14
CA PHE B 240 -1.27 15.21 -12.79
C PHE B 240 -2.51 15.53 -11.95
N ARG B 241 -2.45 15.24 -10.66
CA ARG B 241 -3.56 15.51 -9.76
C ARG B 241 -3.10 16.25 -8.51
N ILE B 242 -3.65 17.46 -8.32
CA ILE B 242 -3.33 18.28 -7.16
C ILE B 242 -4.21 17.86 -5.98
N ARG B 243 -3.58 17.62 -4.84
CA ARG B 243 -4.27 17.20 -3.63
C ARG B 243 -5.52 18.02 -3.30
N SER B 244 -5.40 19.35 -3.37
CA SER B 244 -6.53 20.22 -3.08
C SER B 244 -7.71 19.95 -4.00
N ASP B 245 -7.43 19.72 -5.28
CA ASP B 245 -8.50 19.42 -6.24
C ASP B 245 -9.16 18.09 -5.89
N ALA B 246 -8.35 17.10 -5.54
CA ALA B 246 -8.86 15.79 -5.19
C ALA B 246 -9.76 15.86 -3.95
N LEU B 247 -9.35 16.65 -2.96
CA LEU B 247 -10.12 16.78 -1.73
C LEU B 247 -11.44 17.52 -1.94
N LEU B 248 -11.38 18.66 -2.61
CA LEU B 248 -12.57 19.46 -2.88
C LEU B 248 -13.62 18.66 -3.65
N ALA B 249 -13.18 17.83 -4.58
CA ALA B 249 -14.12 17.03 -5.37
C ALA B 249 -14.88 16.00 -4.52
N ARG B 250 -14.25 15.55 -3.45
CA ARG B 250 -14.83 14.52 -2.59
C ARG B 250 -15.41 15.00 -1.25
N ASP B 251 -15.07 16.22 -0.84
CA ASP B 251 -15.55 16.77 0.42
C ASP B 251 -17.05 17.06 0.43
N SER B 252 -17.71 16.70 1.52
CA SER B 252 -19.16 16.90 1.65
C SER B 252 -19.65 18.33 1.43
N ARG B 253 -18.78 19.30 1.69
CA ARG B 253 -19.16 20.70 1.53
C ARG B 253 -19.06 21.23 0.11
N THR B 254 -18.42 20.47 -0.77
CA THR B 254 -18.22 20.91 -2.14
C THR B 254 -18.53 19.87 -3.22
N ALA B 255 -18.72 18.61 -2.82
CA ALA B 255 -18.95 17.52 -3.76
C ALA B 255 -20.16 17.60 -4.68
N CYS B 256 -21.28 18.12 -4.21
CA CYS B 256 -22.45 18.17 -5.07
C CYS B 256 -22.30 19.21 -6.18
N ARG B 257 -21.73 20.36 -5.85
CA ARG B 257 -21.52 21.40 -6.86
C ARG B 257 -20.50 20.86 -7.86
N TRP B 258 -19.48 20.18 -7.35
CA TRP B 258 -18.45 19.60 -8.19
C TRP B 258 -19.07 18.60 -9.17
N GLN B 259 -19.94 17.74 -8.66
CA GLN B 259 -20.58 16.75 -9.53
C GLN B 259 -21.52 17.41 -10.53
N SER B 260 -22.18 18.49 -10.12
CA SER B 260 -23.11 19.19 -11.01
C SER B 260 -22.37 19.89 -12.15
N MET B 261 -21.05 19.96 -12.01
CA MET B 261 -20.20 20.60 -13.02
C MET B 261 -19.61 19.60 -14.02
N THR B 262 -20.13 18.38 -14.04
CA THR B 262 -19.61 17.35 -14.93
C THR B 262 -20.25 17.13 -16.30
N SER B 263 -21.55 17.39 -16.41
CA SER B 263 -22.24 17.14 -17.67
C SER B 263 -22.63 18.32 -18.54
N SER B 264 -22.33 19.54 -18.13
CA SER B 264 -22.70 20.70 -18.95
C SER B 264 -21.63 21.77 -19.08
N ASN B 265 -21.07 21.87 -20.28
CA ASN B 265 -20.05 22.89 -20.53
C ASN B 265 -20.71 24.27 -20.54
N GLU B 266 -22.00 24.31 -20.87
CA GLU B 266 -22.72 25.57 -20.91
C GLU B 266 -22.90 26.13 -19.49
N VAL B 267 -23.39 25.29 -18.58
CA VAL B 267 -23.58 25.73 -17.20
C VAL B 267 -22.23 26.09 -16.59
N MET B 268 -21.24 25.21 -16.77
CA MET B 268 -19.91 25.47 -16.23
C MET B 268 -19.41 26.83 -16.69
N GLY B 269 -19.64 27.15 -17.95
CA GLY B 269 -19.19 28.41 -18.51
C GLY B 269 -19.74 29.67 -17.84
N GLN B 270 -21.05 29.72 -17.65
CA GLN B 270 -21.66 30.90 -17.03
C GLN B 270 -21.32 30.96 -15.54
N ARG B 271 -21.24 29.80 -14.89
CA ARG B 271 -20.90 29.78 -13.48
C ARG B 271 -19.50 30.37 -13.31
N PHE B 272 -18.56 29.90 -14.13
CA PHE B 272 -17.20 30.41 -14.04
C PHE B 272 -17.16 31.90 -14.35
N ARG B 273 -17.91 32.33 -15.37
CA ARG B 273 -17.93 33.73 -15.74
C ARG B 273 -18.40 34.60 -14.59
N ALA B 274 -19.50 34.20 -13.95
CA ALA B 274 -20.07 34.95 -12.84
C ALA B 274 -19.11 35.07 -11.65
N ALA B 275 -18.45 33.97 -11.31
CA ALA B 275 -17.51 33.99 -10.18
C ALA B 275 -16.30 34.84 -10.54
N MET B 276 -15.82 34.73 -11.77
CA MET B 276 -14.68 35.52 -12.22
C MET B 276 -14.96 37.02 -12.26
N ALA B 277 -16.20 37.39 -12.53
CA ALA B 277 -16.57 38.80 -12.58
C ALA B 277 -16.43 39.40 -11.19
N LYS B 278 -16.67 38.59 -10.16
CA LYS B 278 -16.55 39.04 -8.77
C LYS B 278 -15.07 39.11 -8.40
N MET B 279 -14.32 38.10 -8.78
N MET B 279 -14.34 38.08 -8.78
CA MET B 279 -12.90 38.06 -8.48
CA MET B 279 -12.90 37.99 -8.49
C MET B 279 -12.14 39.20 -9.14
C MET B 279 -12.13 39.12 -9.16
N SER B 280 -12.46 39.45 -10.41
N SER B 280 -12.48 39.44 -10.39
CA SER B 280 -11.79 40.51 -11.17
CA SER B 280 -11.79 40.49 -11.14
C SER B 280 -11.92 41.89 -10.56
C SER B 280 -11.90 41.88 -10.52
N VAL B 281 -12.93 42.10 -9.71
CA VAL B 281 -13.12 43.40 -9.08
C VAL B 281 -12.92 43.46 -7.58
N LEU B 282 -12.27 42.46 -7.01
CA LEU B 282 -12.02 42.46 -5.57
C LEU B 282 -11.15 43.67 -5.23
N GLY B 283 -11.60 44.48 -4.28
CA GLY B 283 -10.85 45.66 -3.88
C GLY B 283 -11.33 46.91 -4.60
N PHE B 284 -12.39 46.75 -5.39
CA PHE B 284 -12.95 47.86 -6.15
C PHE B 284 -14.47 47.85 -6.17
N ASP B 285 -15.04 48.98 -6.56
CA ASP B 285 -16.49 49.13 -6.70
C ASP B 285 -16.70 48.98 -8.20
N ARG B 286 -17.31 47.88 -8.63
CA ARG B 286 -17.52 47.63 -10.05
C ARG B 286 -18.27 48.78 -10.73
N ASN B 287 -19.15 49.43 -9.99
CA ASN B 287 -19.91 50.52 -10.58
C ASN B 287 -19.06 51.76 -10.84
N ALA B 288 -17.88 51.81 -10.22
CA ALA B 288 -16.98 52.94 -10.44
C ALA B 288 -16.16 52.71 -11.70
N LEU B 289 -16.26 51.50 -12.24
CA LEU B 289 -15.51 51.14 -13.45
C LEU B 289 -16.37 51.24 -14.70
N THR B 290 -15.75 51.03 -15.86
CA THR B 290 -16.46 51.11 -17.14
C THR B 290 -16.45 49.75 -17.81
N ASP B 291 -17.61 49.31 -18.29
CA ASP B 291 -17.73 48.02 -18.95
C ASP B 291 -17.21 48.08 -20.39
N CYS B 292 -16.22 47.24 -20.68
CA CYS B 292 -15.64 47.16 -22.01
C CYS B 292 -15.58 45.71 -22.48
N SER B 293 -16.58 44.93 -22.07
CA SER B 293 -16.70 43.52 -22.41
C SER B 293 -16.79 43.25 -23.91
N ASP B 294 -17.30 44.20 -24.67
CA ASP B 294 -17.43 43.99 -26.12
C ASP B 294 -16.09 43.96 -26.83
N VAL B 295 -15.02 44.27 -26.11
CA VAL B 295 -13.68 44.25 -26.69
C VAL B 295 -13.22 42.80 -26.77
N ILE B 296 -13.71 41.97 -25.86
CA ILE B 296 -13.35 40.56 -25.80
C ILE B 296 -14.04 39.74 -26.88
N PRO B 297 -13.27 39.14 -27.79
CA PRO B 297 -13.83 38.33 -28.88
C PRO B 297 -14.33 36.98 -28.39
N SER B 298 -15.16 36.33 -29.20
CA SER B 298 -15.70 35.02 -28.87
C SER B 298 -14.67 33.95 -29.20
N ALA B 299 -14.59 32.92 -28.37
CA ALA B 299 -13.66 31.83 -28.61
C ALA B 299 -14.31 30.80 -29.54
N VAL B 300 -13.52 29.90 -30.10
CA VAL B 300 -14.05 28.86 -30.97
C VAL B 300 -14.95 28.00 -30.10
N SER B 301 -16.05 27.51 -30.66
CA SER B 301 -16.95 26.68 -29.89
C SER B 301 -16.39 25.28 -29.73
N ASN B 302 -16.75 24.63 -28.64
CA ASN B 302 -16.32 23.27 -28.36
C ASN B 302 -17.47 22.35 -28.77
N ASN B 303 -17.26 21.55 -29.80
CA ASN B 303 -18.30 20.64 -30.27
C ASN B 303 -18.25 19.26 -29.64
N ALA B 304 -17.25 19.05 -28.77
CA ALA B 304 -17.08 17.77 -28.11
C ALA B 304 -17.93 17.68 -26.85
N ALA B 305 -18.47 16.50 -26.59
CA ALA B 305 -19.29 16.27 -25.41
C ALA B 305 -18.45 15.68 -24.29
N PRO B 306 -18.84 15.93 -23.04
CA PRO B 306 -18.13 15.42 -21.85
C PRO B 306 -18.04 13.90 -21.95
N VAL B 307 -16.95 13.32 -21.45
CA VAL B 307 -16.76 11.88 -21.54
C VAL B 307 -15.85 11.32 -20.46
N ILE B 308 -16.02 10.03 -20.17
CA ILE B 308 -15.17 9.34 -19.21
C ILE B 308 -14.26 8.54 -20.15
N PRO B 309 -13.01 8.99 -20.33
CA PRO B 309 -12.01 8.36 -21.19
C PRO B 309 -11.36 7.04 -20.78
N GLY B 310 -10.61 6.49 -21.73
CA GLY B 310 -9.87 5.24 -21.52
C GLY B 310 -10.62 3.97 -21.19
N GLY B 311 -11.86 3.86 -21.65
CA GLY B 311 -12.61 2.65 -21.36
C GLY B 311 -13.14 2.57 -19.94
N LEU B 312 -12.77 3.54 -19.11
CA LEU B 312 -13.23 3.57 -17.72
C LEU B 312 -14.74 3.83 -17.71
N THR B 313 -15.39 3.52 -16.59
CA THR B 313 -16.83 3.73 -16.46
C THR B 313 -17.16 4.42 -15.15
N VAL B 314 -18.45 4.63 -14.90
CA VAL B 314 -18.88 5.29 -13.67
C VAL B 314 -18.41 4.51 -12.45
N ASP B 315 -18.12 3.23 -12.64
CA ASP B 315 -17.67 2.37 -11.54
C ASP B 315 -16.30 2.85 -11.04
N ASP B 316 -15.60 3.61 -11.88
CA ASP B 316 -14.29 4.13 -11.52
C ASP B 316 -14.41 5.54 -10.96
N ILE B 317 -15.63 6.07 -11.00
CA ILE B 317 -15.90 7.41 -10.46
C ILE B 317 -16.20 7.26 -8.98
N GLU B 318 -15.52 8.03 -8.15
CA GLU B 318 -15.74 7.97 -6.72
C GLU B 318 -16.83 8.97 -6.33
N VAL B 319 -18.05 8.67 -6.75
CA VAL B 319 -19.20 9.54 -6.47
C VAL B 319 -19.18 10.03 -5.03
N SER B 320 -19.31 11.35 -4.87
CA SER B 320 -19.25 11.94 -3.54
C SER B 320 -20.48 12.78 -3.14
N CYS B 321 -21.45 12.90 -4.03
CA CYS B 321 -22.67 13.64 -3.68
C CYS B 321 -23.72 12.56 -3.40
N PRO B 322 -24.02 12.35 -2.10
CA PRO B 322 -24.99 11.36 -1.61
C PRO B 322 -26.43 11.56 -2.04
N SER B 323 -26.80 12.81 -2.32
CA SER B 323 -28.18 13.12 -2.70
C SER B 323 -28.48 13.08 -4.19
N GLU B 324 -27.44 13.05 -5.02
CA GLU B 324 -27.66 13.03 -6.47
C GLU B 324 -26.88 11.95 -7.22
N PRO B 325 -27.57 11.17 -8.05
CA PRO B 325 -26.93 10.11 -8.82
C PRO B 325 -26.01 10.74 -9.86
N PHE B 326 -24.86 10.12 -10.12
CA PHE B 326 -23.93 10.66 -11.10
C PHE B 326 -24.66 10.84 -12.43
N PRO B 327 -24.46 11.98 -13.10
CA PRO B 327 -25.13 12.23 -14.37
C PRO B 327 -24.73 11.24 -15.47
N GLU B 328 -25.48 11.26 -16.57
CA GLU B 328 -25.21 10.37 -17.69
C GLU B 328 -24.10 10.94 -18.56
N ILE B 329 -22.93 10.32 -18.49
CA ILE B 329 -21.79 10.78 -19.28
C ILE B 329 -21.33 9.66 -20.22
N ALA B 330 -21.09 10.02 -21.48
CA ALA B 330 -20.65 9.03 -22.45
C ALA B 330 -19.29 8.48 -22.03
N THR B 331 -19.06 7.22 -22.36
CA THR B 331 -17.80 6.57 -22.03
C THR B 331 -17.05 6.32 -23.32
N ALA B 332 -15.87 5.69 -23.22
CA ALA B 332 -15.08 5.45 -24.44
C ALA B 332 -14.47 4.04 -24.41
N SER B 333 -13.89 3.68 -25.52
CA SER B 333 -13.22 2.37 -25.67
C SER B 333 -11.72 2.61 -25.62
N GLY B 334 -11.02 1.94 -26.51
CA GLY B 334 -9.57 2.08 -26.61
C GLY B 334 -8.89 1.96 -25.24
N PRO B 335 -7.57 1.79 -25.20
CA PRO B 335 -6.83 1.73 -23.94
C PRO B 335 -6.81 3.08 -23.18
N LEU B 336 -6.23 3.08 -21.97
CA LEU B 336 -6.17 4.26 -21.12
C LEU B 336 -5.28 5.22 -21.90
N PRO B 337 -5.71 6.48 -22.07
CA PRO B 337 -4.87 7.42 -22.81
C PRO B 337 -3.65 7.91 -22.03
N SER B 338 -2.62 8.33 -22.77
CA SER B 338 -1.41 8.87 -22.18
C SER B 338 -1.46 10.36 -22.51
N LEU B 339 -1.39 11.21 -21.49
CA LEU B 339 -1.46 12.64 -21.70
C LEU B 339 -0.11 13.30 -21.98
N ALA B 340 -0.02 13.99 -23.11
CA ALA B 340 1.21 14.68 -23.48
C ALA B 340 1.27 15.96 -22.66
N PRO B 341 2.48 16.49 -22.44
CA PRO B 341 2.52 17.73 -21.66
C PRO B 341 1.75 18.84 -22.38
N ALA B 342 1.30 19.83 -21.62
CA ALA B 342 0.55 20.94 -22.20
C ALA B 342 1.51 21.80 -23.02
N PRO B 343 1.02 22.39 -24.11
CA PRO B 343 1.87 23.24 -24.97
C PRO B 343 2.39 24.50 -24.30
C1 NAG C . 18.34 -8.75 13.74
C2 NAG C . 18.83 -7.87 12.57
C3 NAG C . 20.22 -8.34 12.09
C4 NAG C . 21.19 -8.39 13.27
C5 NAG C . 20.61 -9.26 14.37
C6 NAG C . 21.50 -9.27 15.60
C7 NAG C . 17.20 -6.80 11.17
C8 NAG C . 16.10 -6.94 10.13
N2 NAG C . 17.89 -7.91 11.48
O3 NAG C . 20.71 -7.45 11.10
O4 NAG C . 22.44 -8.93 12.85
O5 NAG C . 19.33 -8.75 14.79
O6 NAG C . 20.92 -10.03 16.64
O7 NAG C . 17.43 -5.70 11.67
C1 BMA D . -1.81 -57.87 6.42
C2 BMA D . -2.97 -58.46 7.21
C3 BMA D . -2.52 -59.80 7.76
C4 BMA D . -2.02 -60.72 6.63
C5 BMA D . -1.04 -60.00 5.67
C6 BMA D . -0.79 -60.77 4.40
O2 BMA D . -4.09 -58.64 6.34
O3 BMA D . -3.60 -60.43 8.45
O4 BMA D . -1.37 -61.84 7.19
O5 BMA D . -1.55 -58.70 5.29
O6 BMA D . -1.85 -60.57 3.46
C1 MAN E . 18.90 -52.34 5.51
C2 MAN E . 19.73 -52.05 6.75
C3 MAN E . 19.63 -50.57 7.10
C4 MAN E . 20.08 -49.74 5.91
C5 MAN E . 19.29 -50.13 4.65
C6 MAN E . 19.84 -49.42 3.42
O2 MAN E . 21.09 -52.39 6.51
O3 MAN E . 20.45 -50.28 8.22
O4 MAN E . 19.88 -48.36 6.19
O5 MAN E . 19.39 -51.55 4.41
O6 MAN E . 19.11 -49.77 2.26
CA CA F . 13.22 -18.18 21.63
CA CA G . 6.38 -39.93 7.47
CHA HEM H . 14.26 -34.61 16.09
CHB HEM H . 13.18 -34.91 20.63
CHC HEM H . 9.21 -32.56 19.75
CHD HEM H . 10.60 -31.71 15.26
C1A HEM H . 14.41 -34.90 17.44
C2A HEM H . 15.57 -35.50 18.09
C3A HEM H . 15.25 -35.55 19.53
C4A HEM H . 13.98 -35.01 19.58
CMA HEM H . 16.21 -36.21 20.69
CAA HEM H . 16.91 -36.00 17.38
CBA HEM H . 17.88 -34.75 17.26
CGA HEM H . 19.21 -35.46 16.56
O1A HEM H . 19.91 -36.22 17.27
O2A HEM H . 19.56 -35.08 15.33
C1B HEM H . 11.89 -34.39 20.88
C2B HEM H . 11.25 -34.45 22.12
C3B HEM H . 9.94 -33.79 21.86
C4B HEM H . 10.08 -33.32 20.45
CMB HEM H . 11.82 -35.17 23.58
CAB HEM H . 9.03 -33.85 22.94
CBB HEM H . 7.97 -33.81 23.23
C1C HEM H . 9.18 -31.98 18.46
C2C HEM H . 8.16 -30.82 18.01
C3C HEM H . 8.64 -30.51 16.69
C4C HEM H . 9.86 -31.52 16.46
CMC HEM H . 7.03 -30.22 18.93
CAC HEM H . 8.22 -29.48 15.73
CBC HEM H . 6.87 -29.00 15.37
C1D HEM H . 11.68 -32.53 14.90
C2D HEM H . 12.23 -32.75 13.56
C3D HEM H . 13.41 -33.66 13.83
C4D HEM H . 13.37 -33.88 15.30
CMD HEM H . 11.68 -32.25 12.15
CAD HEM H . 14.28 -34.22 12.87
CBD HEM H . 15.68 -33.59 12.73
CGD HEM H . 16.48 -34.17 11.60
O1D HEM H . 17.45 -33.59 11.44
O2D HEM H . 16.05 -35.04 10.75
NA HEM H . 13.50 -34.58 18.23
NB HEM H . 11.17 -33.76 19.89
NC HEM H . 10.13 -32.33 17.55
ND HEM H . 12.36 -33.30 15.89
FE HEM H . 11.69 -33.62 17.91
C1 GOL I . 24.52 -13.01 24.26
O1 GOL I . 23.41 -12.30 23.68
C2 GOL I . 25.41 -13.99 23.42
O2 GOL I . 24.75 -15.06 22.69
C3 GOL I . 26.44 -14.52 24.39
O3 GOL I . 27.35 -15.40 23.93
C1 GOL J . 22.01 -26.50 5.35
O1 GOL J . 20.85 -25.67 5.16
C2 GOL J . 23.40 -25.93 5.77
O2 GOL J . 23.96 -24.85 4.96
C3 GOL J . 24.32 -27.13 5.86
O3 GOL J . 25.60 -26.91 6.21
C1 GOL K . 14.26 -30.06 31.58
O1 GOL K . 15.15 -30.47 30.53
C2 GOL K . 12.71 -30.02 31.39
O2 GOL K . 12.19 -29.24 30.26
C3 GOL K . 12.15 -29.56 32.72
O3 GOL K . 10.83 -29.43 32.84
C1 GOL L . 0.47 -17.73 26.20
O1 GOL L . 0.71 -17.47 27.60
C2 GOL L . -0.13 -19.09 25.72
O2 GOL L . 0.54 -20.32 26.14
C3 GOL L . -0.23 -19.00 24.22
O3 GOL L . -0.73 -20.06 23.57
C1 NAG M . 1.75 52.18 -13.13
C2 NAG M . 2.17 53.11 -14.29
C3 NAG M . 3.54 52.69 -14.84
C4 NAG M . 4.56 52.62 -13.72
C5 NAG M . 4.04 51.67 -12.64
C6 NAG M . 4.97 51.54 -11.46
C7 NAG M . 0.21 53.94 -15.41
C8 NAG M . -0.64 53.98 -16.66
N2 NAG M . 1.18 53.04 -15.35
O3 NAG M . 3.98 53.61 -15.84
O4 NAG M . 5.80 52.15 -14.22
O5 NAG M . 2.78 52.14 -12.14
O6 NAG M . 4.40 50.74 -10.44
O7 NAG M . -0.02 54.72 -14.48
C1 BMA N . -18.40 3.05 -21.82
C2 BMA N . -19.54 2.36 -21.08
C3 BMA N . -19.03 1.00 -20.63
C4 BMA N . -18.54 0.19 -21.84
C5 BMA N . -17.55 1.01 -22.70
C6 BMA N . -17.24 0.34 -24.02
O2 BMA N . -20.64 2.19 -21.98
O3 BMA N . -20.07 0.30 -19.96
O4 BMA N . -17.90 -0.99 -21.37
O5 BMA N . -18.09 2.31 -23.00
O6 BMA N . -17.99 0.92 -25.08
C1 MAN O . 2.31 8.37 -22.42
C2 MAN O . 3.17 8.54 -21.17
C3 MAN O . 3.11 10.00 -20.70
C4 MAN O . 3.54 10.93 -21.84
C5 MAN O . 2.73 10.65 -23.11
C6 MAN O . 3.29 11.44 -24.29
O2 MAN O . 4.52 8.21 -21.46
O3 MAN O . 3.95 10.19 -19.58
O4 MAN O . 3.36 12.29 -21.45
O5 MAN O . 2.81 9.25 -23.46
O6 MAN O . 2.57 11.17 -25.49
CA CA P . -3.15 42.40 -5.76
CA CA Q . -10.00 20.98 -20.34
CHA HEM R . -2.17 26.07 -11.55
CHB HEM R . -3.28 25.63 -7.08
CHC HEM R . -7.36 28.08 -7.89
CHD HEM R . -5.88 28.94 -12.35
C1A HEM R . -2.02 25.72 -10.22
C2A HEM R . -0.87 25.05 -9.59
C3A HEM R . -1.15 24.94 -8.28
C4A HEM R . -2.57 25.58 -8.16
CMA HEM R . -0.10 24.33 -7.05
CAA HEM R . 0.35 24.58 -10.28
CBA HEM R . 1.47 25.77 -10.37
CGA HEM R . 2.71 25.13 -11.08
O1A HEM R . 3.30 24.34 -10.51
O2A HEM R . 3.13 25.58 -12.32
C1B HEM R . -4.67 26.19 -6.84
C2B HEM R . -5.36 26.08 -5.61
C3B HEM R . -6.63 26.78 -5.83
C4B HEM R . -6.47 27.25 -7.19
CMB HEM R . -4.76 25.23 -4.21
CAB HEM R . -7.53 26.74 -4.68
CBB HEM R . -8.80 26.74 -4.51
C1C HEM R . -7.30 28.74 -9.19
C2C HEM R . -8.28 29.87 -9.66
C3C HEM R . -7.78 30.19 -10.90
C4C HEM R . -6.57 29.15 -11.14
CMC HEM R . -9.43 30.46 -8.87
CAC HEM R . -8.19 31.25 -11.95
CBC HEM R . -9.39 31.80 -12.34
C1D HEM R . -4.74 28.10 -12.70
C2D HEM R . -4.15 27.91 -14.03
C3D HEM R . -3.05 27.10 -13.80
C4D HEM R . -3.11 26.84 -12.34
CMD HEM R . -4.77 28.53 -15.48
CAD HEM R . -2.10 26.55 -14.77
CBD HEM R . -0.73 27.25 -14.84
CGD HEM R . 0.17 26.57 -16.04
O1D HEM R . 1.08 27.06 -16.18
O2D HEM R . -0.33 25.68 -16.92
NA HEM R . -2.96 26.02 -9.41
NB HEM R . -5.37 26.82 -7.76
NC HEM R . -6.30 28.37 -10.03
ND HEM R . -4.04 27.35 -11.79
FE HEM R . -4.70 27.02 -9.79
C1 GOL S . -10.46 19.47 8.84
O1 GOL S . -9.49 20.47 8.49
C2 GOL S . -11.96 19.82 9.10
O2 GOL S . -12.26 20.87 10.08
C3 GOL S . -12.65 18.51 9.44
O3 GOL S . -13.96 18.56 9.72
C1 GOL T . 10.43 46.01 -2.93
O1 GOL T . 11.08 44.75 -2.66
C2 GOL T . 8.94 46.09 -3.40
O2 GOL T . 8.55 45.33 -4.58
C3 GOL T . 8.64 47.57 -3.58
O3 GOL T . 7.40 47.90 -3.98
C1 GOL U . -15.33 44.07 10.55
O1 GOL U . -15.89 43.08 11.44
C2 GOL U . -14.62 45.37 11.09
O2 GOL U . -15.35 46.22 12.03
C3 GOL U . -14.18 46.14 9.84
O3 GOL U . -13.53 47.31 10.02
C1 GOL V . 8.76 33.95 -21.59
O1 GOL V . 9.44 33.32 -20.49
C2 GOL V . 7.54 34.90 -21.38
O2 GOL V . 6.39 34.37 -20.61
C3 GOL V . 7.13 35.35 -22.77
O3 GOL V . 6.07 36.18 -22.86
C1 GOL W . -3.61 27.35 -30.70
O1 GOL W . -3.21 27.12 -29.33
C2 GOL W . -4.84 28.23 -31.06
O2 GOL W . -6.12 27.90 -30.44
C3 GOL W . -4.92 28.22 -32.58
O3 GOL W . -5.92 28.92 -33.16
C1 GOL X . -26.53 20.64 -12.85
O1 GOL X . -26.67 21.16 -11.51
C2 GOL X . -26.89 21.49 -14.12
O2 GOL X . -28.23 22.09 -14.18
C3 GOL X . -26.61 20.59 -15.32
O3 GOL X . -26.84 21.11 -16.54
C1 GOL Y . -22.38 19.80 -23.67
O1 GOL Y . -22.26 18.56 -22.94
C2 GOL Y . -22.74 21.15 -22.96
O2 GOL Y . -23.96 21.18 -22.14
C3 GOL Y . -22.76 22.20 -24.06
O3 GOL Y . -23.05 23.47 -23.70
C1 GOL Z . 4.19 26.41 -4.53
O1 GOL Z . 5.04 25.54 -5.32
C2 GOL Z . 3.53 25.94 -3.19
O2 GOL Z . 2.74 24.71 -3.20
C3 GOL Z . 2.72 27.12 -2.67
O3 GOL Z . 2.06 26.96 -1.51
#